data_7SRS
#
_entry.id   7SRS
#
loop_
_entity.id
_entity.type
_entity.pdbx_description
1 polymer 'Anti-5HT2BR Fab light chain'
2 polymer 'Anti-5HT2BR Fab heavy chain'
3 polymer '5-hydroxytryptamine receptor 2B'
4 polymer 'Isoform 1B of Beta-arrestin-1'
5 polymer 'Fab30 heavy chain'
6 polymer 'Fab30 light chain'
7 non-polymer 2-acetamido-2-deoxy-beta-D-glucopyranose
8 non-polymer (8alpha)-N,N-diethyl-6-methyl-9,10-didehydroergoline-8-carboxamide
#
loop_
_entity_poly.entity_id
_entity_poly.type
_entity_poly.pdbx_seq_one_letter_code
_entity_poly.pdbx_strand_id
1 'polypeptide(L)'
;DIVLIQSPAIMSASPGEKVTITCSASSSVSYMHWFQQKPGTSPKLWIYSTSNLASGVPARFSGSGSGTSYSLTISRMEAE
DAATYYCQQRSSYPLTFGAGTKLEIKRTVAAPSVFIFPPSDEQLKSGTASVVCLLNNFYPREAKVQWKVDNALQSGNSQE
SVTEQDSKDSTYSLSSTLTLSKADYEKHKVYACEVTHQGLPVTKSFNRG
;
P
2 'polypeptide(L)'
;EVQLQQSGPELVKPGASVKLSCKASGYTFTSSWMHWVKQRPGQGLEWIGNIYPSNGGTNYNERFKSKATLTVDRSSNTAY
MQLSSLTSEDSAVYFCARFGSFITTILTTYYNPVDYWGQGTTLTVSSASTKGPSVFPLAPSTAALGCLVKDYFPEPVTVS
WNSGALTSGVHTFPAVLQSSGLYSLSSVVTVPASSLGTQTYICNVNHKPSNTKVDKKV
;
Q
3 'polypeptide(L)'
;TESIPEEMKQIVEEQGNKLHWAALLILMVIIPTIGGNTLVILAVSLEKKLQYATNYFLMSLAVADLLVGLFVMPIALLTI
MFEAMWPLPLVLCPAWLFLDVLFSTASIWHLCAISVDRYIAIKKPIQANQYNSRATAFIKITVVWLISIGIAIPVPIKGI
ETDVDNPNNITCVLTKERFGDFMLFGSLAAFFTPLAIMIVTYFLTIHALQKVRLLSGSRQTISNLQRASKVLGIVFFLFL
LMWCPFFITNITLVLCDSCNQTTLQMLLEIFVWIGYVSSGVNPLVYTLFNKTFRDAFGRYITCNYRATKSVKTPMRLRSS
TIQ(SEP)(SEP)(SEP)IILLDTL
;
R
4 'polypeptide(L)'
;GDKGTRVFKKASPNGKLTVYLGKRDFVDHIDLVDPVDGVVLVDPEYLKERRVYVTLTCAFRYGREDLDVLGLTFRKDLFV
ANVQSFPPAPEDKKPLTRLQERLIKKLGEHAYPFTFEIPPNLPCSVTLQPGPEDTGKACGVDYEVKAFCAENLEEKIHKR
NSVRLVIEKVQYAPERPGPQPTAETTRQFLMSDKPLHLEASLDKEIYYHGEPISVNVHVTNNTNKTVKKIKISVRQYADI
CLFNTAQYKCPVAMEEADDTVAPSSTFCKVYTLTPFLANNREKRGLALDGKLKHEDTNLASSTLLREGANREILGIIVSY
KVKVKLVVSRGGDVAVELPFTLMHPKPKEEPPHREVPENETPVDTNL
;
C
5 'polypeptide(L)'
;VQLVESGGGLVQPGGSLRLSCAASGFNVYSSSIHWVRQAPGKGLRWVASISSYYGYTYYADSVKGRFTISADTSKNTAYL
QMNSLRAEDTAVYYCARSRQFWYSGLDYWGQGTLVTVSS
;
H
6 'polypeptide(L)'
;DIQMTQSPSSLSASVGDRVTITCRASQSVSSAVAWYQQKPGKAPKLLIYSASSLYSGVPSRFSGSRSGTDFTLTISSLQP
EDFATYYCQQYKYVPVTFGQGTKVEI
;
L
#
# COMPACT_ATOMS: atom_id res chain seq x y z
N ASP A 1 37.16 -40.31 -27.02
CA ASP A 1 36.27 -41.34 -27.52
C ASP A 1 36.03 -42.41 -26.47
N ILE A 2 34.89 -43.09 -26.58
CA ILE A 2 34.55 -44.21 -25.72
C ILE A 2 34.73 -45.49 -26.53
N VAL A 3 35.70 -46.31 -26.15
CA VAL A 3 36.04 -47.52 -26.87
C VAL A 3 35.40 -48.71 -26.17
N LEU A 4 34.65 -49.51 -26.93
CA LEU A 4 33.97 -50.68 -26.40
C LEU A 4 34.68 -51.94 -26.87
N ILE A 5 34.89 -52.88 -25.95
CA ILE A 5 35.51 -54.16 -26.23
C ILE A 5 34.51 -55.26 -25.89
N GLN A 6 34.26 -56.15 -26.84
CA GLN A 6 33.21 -57.15 -26.72
C GLN A 6 33.85 -58.54 -26.75
N SER A 7 33.44 -59.40 -25.82
CA SER A 7 33.97 -60.75 -25.73
C SER A 7 32.86 -61.75 -25.48
N PRO A 8 33.01 -63.00 -25.95
CA PRO A 8 34.08 -63.46 -26.85
C PRO A 8 33.73 -63.21 -28.32
N ALA A 9 34.70 -63.43 -29.23
CA ALA A 9 34.44 -63.20 -30.63
C ALA A 9 33.54 -64.28 -31.25
N ILE A 10 33.82 -65.54 -30.95
CA ILE A 10 33.05 -66.66 -31.48
C ILE A 10 32.80 -67.65 -30.35
N MET A 11 31.54 -68.06 -30.19
CA MET A 11 31.14 -68.94 -29.10
C MET A 11 30.21 -70.02 -29.64
N SER A 12 30.14 -71.15 -28.94
CA SER A 12 29.34 -72.30 -29.36
C SER A 12 28.49 -72.78 -28.20
N ALA A 13 27.22 -73.08 -28.46
CA ALA A 13 26.28 -73.49 -27.42
C ALA A 13 25.24 -74.44 -27.99
N SER A 14 25.10 -75.60 -27.36
CA SER A 14 24.09 -76.57 -27.75
C SER A 14 22.71 -76.13 -27.27
N PRO A 15 21.64 -76.55 -27.97
CA PRO A 15 20.29 -76.17 -27.54
C PRO A 15 19.98 -76.70 -26.15
N GLY A 16 19.35 -75.86 -25.34
CA GLY A 16 19.14 -76.16 -23.95
C GLY A 16 20.33 -75.83 -23.08
N GLU A 17 20.77 -74.57 -23.11
CA GLU A 17 21.91 -74.13 -22.33
C GLU A 17 21.77 -72.64 -22.05
N LYS A 18 22.47 -72.17 -21.01
CA LYS A 18 22.49 -70.76 -20.64
C LYS A 18 23.86 -70.18 -20.92
N VAL A 19 23.90 -69.05 -21.63
CA VAL A 19 25.15 -68.44 -22.07
C VAL A 19 25.12 -66.95 -21.81
N THR A 20 26.31 -66.35 -21.83
CA THR A 20 26.52 -64.95 -21.49
C THR A 20 27.53 -64.31 -22.44
N ILE A 21 27.38 -63.01 -22.67
CA ILE A 21 28.26 -62.21 -23.52
C ILE A 21 28.58 -60.92 -22.79
N THR A 22 29.85 -60.48 -22.85
CA THR A 22 30.30 -59.33 -22.08
C THR A 22 30.70 -58.18 -23.00
N CYS A 23 30.33 -56.97 -22.61
CA CYS A 23 30.71 -55.75 -23.30
C CYS A 23 31.27 -54.77 -22.28
N SER A 24 32.49 -54.30 -22.51
CA SER A 24 33.18 -53.40 -21.59
C SER A 24 33.46 -52.08 -22.30
N ALA A 25 33.60 -51.02 -21.50
CA ALA A 25 33.79 -49.67 -22.03
C ALA A 25 35.12 -49.11 -21.59
N SER A 26 35.62 -48.14 -22.37
CA SER A 26 36.85 -47.46 -21.98
C SER A 26 36.60 -46.52 -20.80
N SER A 27 35.55 -45.73 -20.86
CA SER A 27 35.21 -44.78 -19.81
C SER A 27 33.81 -45.07 -19.29
N SER A 28 33.48 -44.45 -18.16
CA SER A 28 32.18 -44.69 -17.54
C SER A 28 31.06 -44.13 -18.40
N VAL A 29 29.98 -44.90 -18.52
CA VAL A 29 28.79 -44.51 -19.28
C VAL A 29 27.56 -44.81 -18.45
N SER A 30 26.43 -44.24 -18.86
CA SER A 30 25.19 -44.42 -18.10
C SER A 30 24.46 -45.70 -18.50
N TYR A 31 24.20 -45.88 -19.79
CA TYR A 31 23.39 -47.01 -20.25
C TYR A 31 23.96 -47.54 -21.55
N MET A 32 23.56 -48.77 -21.89
CA MET A 32 24.02 -49.46 -23.09
C MET A 32 22.85 -50.14 -23.78
N HIS A 33 22.95 -50.26 -25.09
CA HIS A 33 21.89 -50.87 -25.90
C HIS A 33 22.47 -52.02 -26.72
N TRP A 34 21.61 -52.98 -27.06
CA TRP A 34 22.03 -54.18 -27.76
C TRP A 34 21.15 -54.45 -28.97
N PHE A 35 21.79 -54.73 -30.11
CA PHE A 35 21.16 -55.00 -31.38
C PHE A 35 21.51 -56.41 -31.84
N GLN A 36 20.63 -57.00 -32.65
CA GLN A 36 20.83 -58.30 -33.27
C GLN A 36 20.72 -58.19 -34.77
N GLN A 37 21.60 -58.88 -35.50
CA GLN A 37 21.56 -58.93 -36.96
C GLN A 37 21.71 -60.36 -37.45
N LYS A 38 20.92 -60.71 -38.46
CA LYS A 38 20.94 -61.96 -39.20
C LYS A 38 21.53 -61.72 -40.58
N PRO A 39 22.08 -62.74 -41.23
CA PRO A 39 22.72 -62.53 -42.54
C PRO A 39 21.71 -62.06 -43.58
N GLY A 40 22.08 -61.01 -44.30
CA GLY A 40 21.24 -60.47 -45.35
C GLY A 40 20.11 -59.58 -44.88
N THR A 41 20.11 -59.15 -43.62
CA THR A 41 19.02 -58.35 -43.07
C THR A 41 19.61 -57.24 -42.21
N SER A 42 18.95 -56.08 -42.26
CA SER A 42 19.39 -54.95 -41.45
C SER A 42 19.18 -55.22 -39.97
N PRO A 43 20.03 -54.66 -39.11
CA PRO A 43 19.92 -54.94 -37.67
C PRO A 43 18.63 -54.39 -37.08
N LYS A 44 18.19 -55.01 -35.99
CA LYS A 44 16.97 -54.62 -35.30
C LYS A 44 17.26 -54.46 -33.81
N LEU A 45 16.63 -53.48 -33.19
CA LEU A 45 16.81 -53.24 -31.76
C LEU A 45 16.37 -54.45 -30.96
N TRP A 46 17.15 -54.80 -29.94
CA TRP A 46 16.89 -55.99 -29.14
C TRP A 46 16.69 -55.68 -27.68
N ILE A 47 17.60 -54.91 -27.06
CA ILE A 47 17.47 -54.52 -25.66
C ILE A 47 17.90 -53.07 -25.51
N TYR A 48 17.15 -52.31 -24.70
CA TYR A 48 17.44 -50.90 -24.48
C TYR A 48 17.37 -50.58 -23.00
N SER A 49 18.11 -49.53 -22.60
CA SER A 49 18.17 -49.06 -21.22
C SER A 49 18.69 -50.12 -20.28
N THR A 50 19.53 -51.01 -20.82
CA THR A 50 20.38 -51.94 -20.07
C THR A 50 19.58 -53.09 -19.44
N SER A 51 18.25 -53.00 -19.41
CA SER A 51 17.44 -54.08 -18.90
C SER A 51 16.19 -54.39 -19.70
N ASN A 52 15.61 -53.41 -20.39
CA ASN A 52 14.27 -53.59 -20.93
C ASN A 52 14.31 -54.30 -22.27
N LEU A 53 13.41 -55.27 -22.44
CA LEU A 53 13.29 -56.00 -23.69
C LEU A 53 12.39 -55.24 -24.65
N ALA A 54 12.82 -55.17 -25.91
CA ALA A 54 11.99 -54.55 -26.93
C ALA A 54 10.78 -55.44 -27.23
N SER A 55 9.77 -54.85 -27.85
CA SER A 55 8.54 -55.58 -28.14
C SER A 55 8.80 -56.72 -29.11
N GLY A 56 8.27 -57.90 -28.78
CA GLY A 56 8.46 -59.08 -29.58
C GLY A 56 9.56 -60.01 -29.12
N VAL A 57 10.49 -59.53 -28.32
CA VAL A 57 11.58 -60.38 -27.82
C VAL A 57 10.99 -61.41 -26.86
N PRO A 58 11.40 -62.67 -26.93
CA PRO A 58 10.92 -63.65 -25.95
C PRO A 58 11.42 -63.34 -24.55
N ALA A 59 10.98 -64.18 -23.60
CA ALA A 59 11.30 -63.92 -22.20
C ALA A 59 12.66 -64.47 -21.80
N ARG A 60 13.31 -65.23 -22.68
CA ARG A 60 14.55 -65.91 -22.31
C ARG A 60 15.66 -64.90 -21.99
N PHE A 61 15.74 -63.81 -22.74
CA PHE A 61 16.90 -62.93 -22.68
C PHE A 61 16.89 -62.08 -21.41
N SER A 62 18.08 -61.66 -20.98
CA SER A 62 18.22 -60.83 -19.80
C SER A 62 19.48 -60.00 -19.91
N GLY A 63 19.53 -58.90 -19.19
CA GLY A 63 20.66 -57.99 -19.24
C GLY A 63 21.11 -57.57 -17.86
N SER A 64 22.41 -57.33 -17.73
CA SER A 64 23.01 -56.86 -16.49
C SER A 64 23.96 -55.71 -16.82
N GLY A 65 24.10 -54.78 -15.88
CA GLY A 65 24.90 -53.60 -16.16
C GLY A 65 25.41 -52.90 -14.93
N SER A 66 26.45 -52.11 -15.16
CA SER A 66 27.05 -51.23 -14.16
C SER A 66 28.02 -50.32 -14.90
N GLY A 67 28.73 -49.49 -14.14
CA GLY A 67 29.73 -48.61 -14.74
C GLY A 67 30.91 -49.40 -15.27
N THR A 68 31.13 -49.35 -16.58
CA THR A 68 32.22 -50.00 -17.31
C THR A 68 32.09 -51.51 -17.17
N SER A 69 30.88 -52.05 -17.31
CA SER A 69 30.64 -53.49 -17.35
C SER A 69 29.20 -53.72 -17.77
N TYR A 70 28.99 -54.56 -18.78
CA TYR A 70 27.63 -54.90 -19.19
C TYR A 70 27.63 -56.31 -19.74
N SER A 71 26.47 -56.96 -19.66
CA SER A 71 26.41 -58.35 -20.07
C SER A 71 24.99 -58.71 -20.51
N LEU A 72 24.91 -59.68 -21.41
CA LEU A 72 23.65 -60.21 -21.91
C LEU A 72 23.66 -61.72 -21.73
N THR A 73 22.58 -62.27 -21.17
CA THR A 73 22.52 -63.69 -20.89
C THR A 73 21.19 -64.25 -21.36
N ILE A 74 21.15 -65.56 -21.57
CA ILE A 74 19.92 -66.24 -21.98
C ILE A 74 19.65 -67.40 -21.02
N SER A 75 18.37 -67.64 -20.72
CA SER A 75 18.01 -68.66 -19.76
C SER A 75 18.22 -70.07 -20.33
N ARG A 76 17.74 -70.31 -21.54
CA ARG A 76 17.88 -71.61 -22.20
C ARG A 76 18.07 -71.39 -23.69
N MET A 77 19.14 -71.95 -24.25
CA MET A 77 19.48 -71.73 -25.65
C MET A 77 18.57 -72.52 -26.57
N GLU A 78 18.28 -71.93 -27.73
CA GLU A 78 17.37 -72.53 -28.70
C GLU A 78 17.95 -72.37 -30.10
N ALA A 79 17.38 -73.12 -31.04
CA ALA A 79 17.96 -73.18 -32.38
C ALA A 79 17.77 -71.88 -33.14
N GLU A 80 16.75 -71.10 -32.78
CA GLU A 80 16.43 -69.89 -33.54
C GLU A 80 17.26 -68.68 -33.14
N ASP A 81 18.22 -68.83 -32.23
CA ASP A 81 18.96 -67.71 -31.68
C ASP A 81 20.42 -67.67 -32.13
N ALA A 82 20.70 -67.99 -33.40
CA ALA A 82 22.05 -67.89 -33.93
C ALA A 82 22.14 -66.66 -34.83
N ALA A 83 22.90 -65.66 -34.40
CA ALA A 83 22.99 -64.39 -35.10
C ALA A 83 24.20 -63.63 -34.54
N THR A 84 24.29 -62.35 -34.88
CA THR A 84 25.38 -61.51 -34.42
C THR A 84 24.85 -60.36 -33.56
N TYR A 85 25.49 -60.14 -32.41
CA TYR A 85 25.01 -59.17 -31.44
C TYR A 85 26.01 -58.02 -31.28
N TYR A 86 25.48 -56.80 -31.20
CA TYR A 86 26.30 -55.60 -31.07
C TYR A 86 25.85 -54.79 -29.87
N CYS A 87 26.81 -54.14 -29.20
CA CYS A 87 26.53 -53.25 -28.08
C CYS A 87 26.96 -51.83 -28.44
N GLN A 88 26.08 -50.87 -28.22
CA GLN A 88 26.39 -49.47 -28.47
C GLN A 88 26.03 -48.61 -27.27
N GLN A 89 26.65 -47.44 -27.22
CA GLN A 89 26.39 -46.43 -26.19
C GLN A 89 25.84 -45.19 -26.86
N ARG A 90 24.95 -44.49 -26.15
CA ARG A 90 24.34 -43.26 -26.64
C ARG A 90 24.52 -42.16 -25.59
N SER A 91 25.73 -42.03 -25.08
CA SER A 91 26.04 -41.01 -24.08
C SER A 91 26.57 -39.73 -24.71
N SER A 92 27.70 -39.80 -25.43
CA SER A 92 28.32 -38.60 -25.99
C SER A 92 28.80 -38.87 -27.40
N TYR A 93 28.87 -37.80 -28.20
CA TYR A 93 29.36 -37.92 -29.55
C TYR A 93 30.86 -38.18 -29.56
N PRO A 94 31.37 -38.93 -30.55
CA PRO A 94 30.61 -39.65 -31.57
C PRO A 94 30.13 -41.00 -31.08
N LEU A 95 29.03 -41.50 -31.65
CA LEU A 95 28.52 -42.81 -31.25
C LEU A 95 29.47 -43.91 -31.72
N THR A 96 29.56 -44.98 -30.93
CA THR A 96 30.45 -46.09 -31.22
C THR A 96 29.71 -47.41 -31.08
N PHE A 97 30.21 -48.41 -31.78
CA PHE A 97 29.64 -49.75 -31.77
C PHE A 97 30.69 -50.75 -31.31
N GLY A 98 30.23 -51.93 -30.94
CA GLY A 98 31.14 -53.00 -30.59
C GLY A 98 31.65 -53.75 -31.81
N ALA A 99 32.64 -54.61 -31.59
CA ALA A 99 33.18 -55.40 -32.68
C ALA A 99 32.17 -56.44 -33.17
N GLY A 100 31.42 -57.03 -32.26
CA GLY A 100 30.42 -58.02 -32.60
C GLY A 100 30.79 -59.40 -32.11
N THR A 101 29.77 -60.16 -31.73
CA THR A 101 29.95 -61.51 -31.22
C THR A 101 29.06 -62.47 -32.00
N LYS A 102 29.65 -63.57 -32.45
CA LYS A 102 28.98 -64.53 -33.32
C LYS A 102 28.68 -65.80 -32.53
N LEU A 103 27.44 -66.28 -32.63
CA LEU A 103 27.00 -67.45 -31.89
C LEU A 103 26.76 -68.59 -32.87
N GLU A 104 27.08 -69.81 -32.46
CA GLU A 104 26.97 -70.98 -33.32
C GLU A 104 26.33 -72.12 -32.55
N ILE A 105 25.93 -73.15 -33.30
CA ILE A 105 25.40 -74.36 -32.68
C ILE A 105 26.53 -75.36 -32.46
N LYS A 106 26.35 -76.25 -31.49
CA LYS A 106 27.29 -77.32 -31.21
C LYS A 106 26.54 -78.64 -31.23
N ARG A 107 27.11 -79.63 -31.93
CA ARG A 107 26.53 -80.95 -32.04
C ARG A 107 27.65 -81.97 -32.12
N GLU B 1 2.50 -47.49 -40.16
CA GLU B 1 3.54 -48.33 -40.72
C GLU B 1 4.68 -47.47 -41.26
N VAL B 2 5.69 -47.22 -40.42
CA VAL B 2 6.82 -46.41 -40.83
C VAL B 2 7.61 -47.17 -41.89
N GLN B 3 7.95 -46.47 -42.97
CA GLN B 3 8.70 -47.08 -44.07
C GLN B 3 9.81 -46.14 -44.52
N LEU B 4 10.95 -46.72 -44.91
CA LEU B 4 12.06 -45.99 -45.48
C LEU B 4 12.49 -46.69 -46.76
N GLN B 5 12.63 -45.92 -47.83
CA GLN B 5 12.98 -46.45 -49.15
C GLN B 5 14.26 -45.80 -49.65
N GLN B 6 15.09 -46.58 -50.34
CA GLN B 6 16.40 -46.13 -50.77
C GLN B 6 16.65 -46.54 -52.22
N SER B 7 17.61 -45.86 -52.84
CA SER B 7 17.94 -46.12 -54.23
C SER B 7 18.68 -47.46 -54.36
N GLY B 8 18.76 -47.94 -55.60
CA GLY B 8 19.32 -49.25 -55.85
C GLY B 8 20.84 -49.24 -55.91
N PRO B 9 21.39 -50.38 -56.32
CA PRO B 9 22.85 -50.53 -56.34
C PRO B 9 23.50 -49.57 -57.32
N GLU B 10 24.75 -49.20 -57.03
CA GLU B 10 25.51 -48.27 -57.84
C GLU B 10 26.91 -48.81 -58.12
N LEU B 11 27.36 -48.62 -59.35
CA LEU B 11 28.72 -48.98 -59.77
C LEU B 11 29.36 -47.75 -60.39
N VAL B 12 30.39 -47.22 -59.75
CA VAL B 12 31.00 -45.98 -60.20
C VAL B 12 32.51 -46.17 -60.35
N LYS B 13 33.09 -45.42 -61.28
CA LYS B 13 34.51 -45.51 -61.55
C LYS B 13 35.30 -44.84 -60.43
N PRO B 14 36.59 -45.18 -60.28
CA PRO B 14 37.41 -44.49 -59.29
C PRO B 14 37.58 -43.02 -59.64
N GLY B 15 37.49 -42.17 -58.63
CA GLY B 15 37.61 -40.75 -58.85
C GLY B 15 36.36 -40.06 -59.34
N ALA B 16 35.23 -40.27 -58.67
CA ALA B 16 33.97 -39.63 -59.01
C ALA B 16 33.21 -39.29 -57.74
N SER B 17 32.01 -38.74 -57.92
CA SER B 17 31.15 -38.38 -56.80
C SER B 17 29.71 -38.78 -57.13
N VAL B 18 28.96 -39.17 -56.10
CA VAL B 18 27.59 -39.65 -56.29
C VAL B 18 26.79 -39.42 -55.01
N LYS B 19 25.49 -39.24 -55.17
CA LYS B 19 24.59 -39.00 -54.05
C LYS B 19 23.64 -40.17 -53.86
N LEU B 20 23.21 -40.35 -52.61
CA LEU B 20 22.30 -41.41 -52.23
C LEU B 20 21.12 -40.77 -51.50
N SER B 21 19.95 -41.40 -51.63
CA SER B 21 18.70 -40.82 -51.15
C SER B 21 18.01 -41.75 -50.17
N CYS B 22 17.26 -41.16 -49.25
CA CYS B 22 16.43 -41.89 -48.29
C CYS B 22 15.09 -41.19 -48.20
N LYS B 23 14.02 -41.92 -48.50
CA LYS B 23 12.67 -41.37 -48.53
C LYS B 23 11.84 -41.98 -47.40
N ALA B 24 11.15 -41.14 -46.65
CA ALA B 24 10.44 -41.56 -45.46
C ALA B 24 8.94 -41.58 -45.70
N SER B 25 8.24 -42.37 -44.88
CA SER B 25 6.79 -42.40 -44.94
C SER B 25 6.25 -42.89 -43.60
N GLY B 26 5.16 -42.26 -43.16
CA GLY B 26 4.45 -42.70 -41.98
C GLY B 26 4.58 -41.81 -40.75
N TYR B 27 5.25 -40.66 -40.86
CA TYR B 27 5.41 -39.76 -39.72
C TYR B 27 5.79 -38.37 -40.21
N THR B 28 6.07 -37.49 -39.25
CA THR B 28 6.17 -36.06 -39.53
C THR B 28 7.35 -35.72 -40.43
N PHE B 29 8.50 -36.38 -40.21
CA PHE B 29 9.77 -36.20 -40.91
C PHE B 29 10.52 -34.94 -40.47
N THR B 30 9.91 -34.07 -39.68
CA THR B 30 10.61 -32.90 -39.18
C THR B 30 10.85 -32.92 -37.68
N SER B 31 10.44 -33.99 -36.99
CA SER B 31 10.57 -34.08 -35.55
C SER B 31 11.57 -35.14 -35.10
N SER B 32 12.37 -35.69 -36.01
CA SER B 32 13.37 -36.69 -35.65
C SER B 32 14.61 -36.51 -36.50
N TRP B 33 15.75 -36.93 -35.95
CA TRP B 33 17.02 -36.85 -36.65
C TRP B 33 17.17 -38.02 -37.61
N MET B 34 18.09 -37.87 -38.56
CA MET B 34 18.45 -38.93 -39.50
C MET B 34 19.92 -39.27 -39.34
N HIS B 35 20.23 -40.55 -39.19
CA HIS B 35 21.60 -41.00 -39.02
C HIS B 35 22.04 -41.84 -40.21
N TRP B 36 23.32 -41.76 -40.55
CA TRP B 36 23.88 -42.55 -41.64
C TRP B 36 24.99 -43.45 -41.14
N VAL B 37 24.98 -44.71 -41.58
CA VAL B 37 25.90 -45.73 -41.09
C VAL B 37 26.47 -46.51 -42.26
N LYS B 38 27.71 -46.97 -42.13
CA LYS B 38 28.40 -47.71 -43.17
C LYS B 38 28.90 -49.03 -42.61
N GLN B 39 28.68 -50.12 -43.34
CA GLN B 39 29.11 -51.45 -42.91
C GLN B 39 29.92 -52.13 -44.00
N ARG B 40 31.22 -52.32 -43.75
CA ARG B 40 32.08 -53.01 -44.69
C ARG B 40 31.74 -54.49 -44.71
N PRO B 41 32.11 -55.20 -45.79
CA PRO B 41 31.83 -56.64 -45.86
C PRO B 41 32.56 -57.40 -44.76
N GLY B 42 31.79 -58.05 -43.89
CA GLY B 42 32.36 -58.80 -42.79
C GLY B 42 33.14 -57.96 -41.82
N GLN B 43 32.63 -56.78 -41.46
CA GLN B 43 33.31 -55.89 -40.55
C GLN B 43 32.28 -55.21 -39.65
N GLY B 44 32.78 -54.45 -38.68
CA GLY B 44 31.90 -53.77 -37.77
C GLY B 44 31.26 -52.54 -38.36
N LEU B 45 30.30 -52.00 -37.63
CA LEU B 45 29.58 -50.81 -38.09
C LEU B 45 30.34 -49.54 -37.73
N GLU B 46 30.15 -48.51 -38.55
CA GLU B 46 30.79 -47.22 -38.36
C GLU B 46 29.76 -46.12 -38.50
N TRP B 47 29.95 -45.04 -37.74
CA TRP B 47 29.01 -43.93 -37.71
C TRP B 47 29.56 -42.78 -38.55
N ILE B 48 28.73 -42.25 -39.44
CA ILE B 48 29.14 -41.16 -40.32
C ILE B 48 28.66 -39.81 -39.81
N GLY B 49 27.36 -39.65 -39.65
CA GLY B 49 26.85 -38.38 -39.15
C GLY B 49 25.34 -38.42 -39.03
N ASN B 50 24.79 -37.29 -38.59
CA ASN B 50 23.35 -37.14 -38.49
C ASN B 50 22.94 -35.73 -38.87
N ILE B 51 21.68 -35.59 -39.24
CA ILE B 51 21.11 -34.32 -39.71
C ILE B 51 19.73 -34.13 -39.11
N TYR B 52 19.41 -32.87 -38.79
CA TYR B 52 18.12 -32.50 -38.20
C TYR B 52 17.32 -31.73 -39.23
N PRO B 53 16.18 -32.27 -39.69
CA PRO B 53 15.61 -31.79 -40.96
C PRO B 53 15.09 -30.36 -40.96
N SER B 54 14.50 -29.88 -39.87
CA SER B 54 13.76 -28.62 -39.93
C SER B 54 14.68 -27.44 -40.17
N ASN B 55 15.79 -27.36 -39.44
CA ASN B 55 16.70 -26.23 -39.58
C ASN B 55 18.03 -26.59 -40.25
N GLY B 56 18.23 -27.86 -40.60
CA GLY B 56 19.42 -28.26 -41.32
C GLY B 56 20.66 -28.46 -40.49
N GLY B 57 20.55 -28.47 -39.16
CA GLY B 57 21.72 -28.71 -38.34
C GLY B 57 22.26 -30.11 -38.54
N THR B 58 23.59 -30.23 -38.48
CA THR B 58 24.27 -31.48 -38.77
C THR B 58 25.37 -31.73 -37.74
N ASN B 59 25.70 -33.00 -37.54
CA ASN B 59 26.90 -33.41 -36.80
C ASN B 59 27.64 -34.45 -37.61
N TYR B 60 28.97 -34.33 -37.62
CA TYR B 60 29.85 -35.12 -38.47
C TYR B 60 30.84 -35.90 -37.63
N ASN B 61 31.20 -37.09 -38.10
CA ASN B 61 32.33 -37.80 -37.55
C ASN B 61 33.62 -37.17 -38.06
N GLU B 62 34.66 -37.23 -37.23
CA GLU B 62 35.92 -36.58 -37.59
C GLU B 62 36.56 -37.23 -38.81
N ARG B 63 36.50 -38.56 -38.89
CA ARG B 63 37.23 -39.27 -39.95
C ARG B 63 36.56 -39.10 -41.31
N PHE B 64 35.30 -38.69 -41.32
CA PHE B 64 34.54 -38.54 -42.56
C PHE B 64 34.17 -37.10 -42.87
N LYS B 65 34.87 -36.13 -42.29
CA LYS B 65 34.52 -34.73 -42.53
C LYS B 65 34.74 -34.33 -43.98
N SER B 66 35.85 -34.80 -44.58
CA SER B 66 36.17 -34.40 -45.94
C SER B 66 35.33 -35.14 -46.97
N LYS B 67 34.89 -36.36 -46.65
CA LYS B 67 34.33 -37.23 -47.68
C LYS B 67 32.85 -36.99 -47.91
N ALA B 68 32.08 -36.73 -46.85
CA ALA B 68 30.63 -36.81 -46.91
C ALA B 68 29.99 -35.43 -46.80
N THR B 69 28.82 -35.30 -47.42
CA THR B 69 27.99 -34.10 -47.29
C THR B 69 26.53 -34.52 -47.14
N LEU B 70 25.77 -33.77 -46.35
CA LEU B 70 24.39 -34.12 -46.01
C LEU B 70 23.45 -32.98 -46.37
N THR B 71 22.31 -33.31 -46.97
CA THR B 71 21.29 -32.33 -47.32
C THR B 71 19.90 -32.95 -47.16
N VAL B 72 18.87 -32.11 -47.31
CA VAL B 72 17.49 -32.53 -47.10
C VAL B 72 16.56 -31.74 -48.01
N ASP B 73 15.38 -32.30 -48.26
CA ASP B 73 14.30 -31.64 -48.99
C ASP B 73 12.99 -31.95 -48.28
N ARG B 74 12.39 -30.92 -47.68
CA ARG B 74 11.22 -31.11 -46.82
C ARG B 74 9.97 -31.44 -47.63
N SER B 75 9.73 -30.69 -48.70
CA SER B 75 8.52 -30.92 -49.49
C SER B 75 8.52 -32.29 -50.14
N SER B 76 9.69 -32.71 -50.66
CA SER B 76 9.79 -34.02 -51.28
C SER B 76 9.96 -35.12 -50.23
N ASN B 77 10.27 -34.76 -49.00
CA ASN B 77 10.51 -35.70 -47.90
C ASN B 77 11.71 -36.59 -48.16
N THR B 78 12.84 -36.03 -48.60
CA THR B 78 14.01 -36.85 -48.93
C THR B 78 15.23 -36.35 -48.19
N ALA B 79 16.14 -37.27 -47.89
CA ALA B 79 17.42 -36.95 -47.28
C ALA B 79 18.54 -37.47 -48.17
N TYR B 80 19.53 -36.63 -48.42
CA TYR B 80 20.58 -36.92 -49.39
C TYR B 80 21.93 -36.95 -48.70
N MET B 81 22.75 -37.92 -49.07
CA MET B 81 24.14 -37.97 -48.67
C MET B 81 25.03 -38.11 -49.89
N GLN B 82 25.98 -37.20 -50.03
CA GLN B 82 26.86 -37.15 -51.18
C GLN B 82 28.27 -37.58 -50.79
N LEU B 83 28.85 -38.47 -51.58
CA LEU B 83 30.23 -38.92 -51.41
C LEU B 83 31.06 -38.45 -52.60
N SER B 84 32.26 -37.96 -52.31
CA SER B 84 33.15 -37.42 -53.33
C SER B 84 34.56 -37.96 -53.14
N SER B 85 35.31 -37.98 -54.23
CA SER B 85 36.68 -38.48 -54.26
C SER B 85 36.74 -39.93 -53.77
N LEU B 86 36.05 -40.80 -54.48
CA LEU B 86 35.93 -42.19 -54.06
C LEU B 86 37.23 -42.95 -54.34
N THR B 87 37.53 -43.90 -53.45
CA THR B 87 38.67 -44.78 -53.59
C THR B 87 38.21 -46.23 -53.43
N SER B 88 39.16 -47.15 -53.58
CA SER B 88 38.82 -48.57 -53.56
C SER B 88 38.31 -49.02 -52.19
N GLU B 89 38.79 -48.38 -51.12
CA GLU B 89 38.38 -48.80 -49.77
C GLU B 89 36.90 -48.50 -49.53
N ASP B 90 36.34 -47.52 -50.22
CA ASP B 90 34.97 -47.07 -49.99
C ASP B 90 34.01 -47.82 -50.92
N SER B 91 33.66 -49.04 -50.50
CA SER B 91 32.70 -49.89 -51.22
C SER B 91 32.03 -50.79 -50.19
N ALA B 92 30.85 -50.38 -49.71
CA ALA B 92 30.17 -51.10 -48.65
C ALA B 92 28.69 -50.74 -48.66
N VAL B 93 27.95 -51.33 -47.73
CA VAL B 93 26.51 -51.05 -47.63
C VAL B 93 26.28 -49.85 -46.72
N TYR B 94 25.31 -49.02 -47.08
CA TYR B 94 25.02 -47.78 -46.39
C TYR B 94 23.57 -47.76 -45.92
N PHE B 95 23.37 -47.42 -44.65
CA PHE B 95 22.06 -47.42 -44.02
C PHE B 95 21.67 -46.01 -43.60
N CYS B 96 20.42 -45.65 -43.84
CA CYS B 96 19.80 -44.46 -43.26
C CYS B 96 18.83 -44.92 -42.18
N ALA B 97 18.94 -44.35 -40.98
CA ALA B 97 18.21 -44.86 -39.84
C ALA B 97 17.61 -43.72 -39.02
N ARG B 98 16.53 -44.05 -38.31
CA ARG B 98 15.88 -43.15 -37.37
C ARG B 98 15.99 -43.75 -35.98
N PHE B 99 16.44 -42.95 -35.02
CA PHE B 99 16.73 -43.45 -33.68
C PHE B 99 15.73 -42.90 -32.67
N GLY B 100 15.79 -43.43 -31.46
CA GLY B 100 14.91 -42.99 -30.39
C GLY B 100 15.38 -41.69 -29.77
N SER B 101 14.74 -41.30 -28.67
CA SER B 101 15.02 -40.04 -28.02
C SER B 101 14.82 -40.13 -26.51
N PHE B 102 15.32 -39.11 -25.83
CA PHE B 102 15.22 -38.97 -24.38
C PHE B 102 14.33 -37.79 -24.05
N ILE B 103 13.35 -38.01 -23.17
CA ILE B 103 12.47 -36.95 -22.69
C ILE B 103 12.74 -36.75 -21.21
N THR B 104 13.04 -35.52 -20.82
CA THR B 104 13.43 -35.21 -19.45
C THR B 104 12.53 -34.11 -18.89
N THR B 105 11.66 -34.47 -17.95
CA THR B 105 10.88 -33.50 -17.21
C THR B 105 11.65 -33.09 -15.96
N ILE B 106 10.99 -32.36 -15.07
CA ILE B 106 11.68 -31.86 -13.88
C ILE B 106 11.94 -32.99 -12.90
N LEU B 107 11.13 -34.06 -12.96
CA LEU B 107 11.36 -35.19 -12.06
C LEU B 107 12.44 -36.12 -12.61
N THR B 108 12.18 -36.76 -13.75
CA THR B 108 13.04 -37.83 -14.24
C THR B 108 13.23 -37.68 -15.74
N THR B 109 14.14 -38.50 -16.27
CA THR B 109 14.40 -38.60 -17.71
C THR B 109 14.22 -40.04 -18.14
N TYR B 110 13.61 -40.24 -19.31
CA TYR B 110 13.35 -41.58 -19.81
C TYR B 110 13.44 -41.64 -21.33
N TYR B 111 13.76 -42.82 -21.83
CA TYR B 111 14.04 -43.06 -23.25
C TYR B 111 12.85 -43.76 -23.89
N ASN B 112 12.46 -43.31 -25.09
CA ASN B 112 11.36 -43.97 -25.79
C ASN B 112 11.86 -44.63 -27.05
N PRO B 113 11.62 -45.93 -27.25
CA PRO B 113 12.19 -46.64 -28.40
C PRO B 113 11.35 -46.55 -29.65
N VAL B 114 11.89 -45.96 -30.72
CA VAL B 114 11.22 -45.90 -32.01
C VAL B 114 12.19 -46.30 -33.12
N ASP B 115 13.20 -47.09 -32.77
CA ASP B 115 14.26 -47.40 -33.72
C ASP B 115 13.73 -48.19 -34.90
N TYR B 116 14.18 -47.84 -36.10
CA TYR B 116 13.82 -48.54 -37.33
C TYR B 116 14.89 -48.29 -38.38
N TRP B 117 15.38 -49.37 -38.98
CA TRP B 117 16.47 -49.32 -39.95
C TRP B 117 15.96 -49.70 -41.33
N GLY B 118 16.20 -48.83 -42.31
CA GLY B 118 15.89 -49.17 -43.68
C GLY B 118 16.94 -50.08 -44.27
N GLN B 119 16.52 -50.89 -45.26
CA GLN B 119 17.45 -51.77 -45.93
C GLN B 119 18.46 -50.97 -46.72
N GLY B 120 19.73 -51.38 -46.65
CA GLY B 120 20.80 -50.62 -47.24
C GLY B 120 20.89 -50.78 -48.74
N THR B 121 21.84 -50.04 -49.32
CA THR B 121 22.12 -50.10 -50.75
C THR B 121 23.62 -50.28 -50.95
N THR B 122 23.98 -50.95 -52.03
CA THR B 122 25.38 -51.32 -52.27
C THR B 122 26.03 -50.36 -53.24
N LEU B 123 27.23 -49.90 -52.90
CA LEU B 123 28.04 -49.05 -53.77
C LEU B 123 29.36 -49.75 -54.03
N THR B 124 29.74 -49.86 -55.30
CA THR B 124 31.01 -50.45 -55.67
C THR B 124 31.79 -49.50 -56.57
N VAL B 125 33.09 -49.45 -56.37
CA VAL B 125 34.00 -48.67 -57.21
C VAL B 125 34.96 -49.64 -57.87
N SER B 126 35.00 -49.62 -59.20
CA SER B 126 35.88 -50.52 -59.93
C SER B 126 36.23 -49.90 -61.27
N SER B 127 37.38 -50.30 -61.80
CA SER B 127 37.86 -49.84 -63.09
C SER B 127 37.97 -51.06 -64.01
N TRP C 21 36.28 -6.66 -23.76
CA TRP C 21 35.94 -7.96 -23.19
C TRP C 21 34.56 -7.91 -22.55
N ALA C 22 33.76 -8.96 -22.77
CA ALA C 22 32.34 -8.89 -22.48
C ALA C 22 32.05 -9.01 -20.98
N ALA C 23 32.91 -9.71 -20.24
CA ALA C 23 32.58 -10.06 -18.87
C ALA C 23 32.41 -8.82 -17.99
N LEU C 24 33.38 -7.90 -18.03
CA LEU C 24 33.28 -6.71 -17.19
C LEU C 24 32.09 -5.86 -17.59
N LEU C 25 31.83 -5.73 -18.89
CA LEU C 25 30.70 -4.95 -19.36
C LEU C 25 29.39 -5.52 -18.86
N ILE C 26 29.24 -6.84 -18.86
CA ILE C 26 28.00 -7.43 -18.38
C ILE C 26 27.90 -7.34 -16.86
N LEU C 27 29.03 -7.48 -16.16
CA LEU C 27 29.00 -7.36 -14.71
C LEU C 27 28.61 -5.96 -14.25
N MET C 28 29.06 -4.92 -14.96
CA MET C 28 28.67 -3.58 -14.56
C MET C 28 27.22 -3.27 -14.91
N VAL C 29 26.50 -4.21 -15.51
CA VAL C 29 25.05 -4.11 -15.64
C VAL C 29 24.34 -5.01 -14.63
N ILE C 30 24.95 -6.15 -14.30
CA ILE C 30 24.36 -7.03 -13.30
C ILE C 30 24.34 -6.38 -11.92
N ILE C 31 25.44 -5.70 -11.54
CA ILE C 31 25.53 -5.14 -10.20
C ILE C 31 24.48 -4.05 -9.93
N PRO C 32 24.27 -3.07 -10.82
CA PRO C 32 23.30 -2.01 -10.50
C PRO C 32 21.89 -2.51 -10.23
N THR C 33 21.44 -3.56 -10.91
CA THR C 33 20.12 -4.11 -10.64
C THR C 33 19.98 -4.54 -9.18
N ILE C 34 20.92 -5.37 -8.73
CA ILE C 34 20.88 -5.87 -7.36
C ILE C 34 20.98 -4.72 -6.37
N GLY C 35 21.91 -3.79 -6.61
CA GLY C 35 22.07 -2.68 -5.68
C GLY C 35 20.81 -1.83 -5.56
N GLY C 36 20.25 -1.44 -6.71
CA GLY C 36 19.08 -0.59 -6.68
C GLY C 36 17.88 -1.25 -6.02
N ASN C 37 17.65 -2.53 -6.32
CA ASN C 37 16.51 -3.20 -5.72
C ASN C 37 16.71 -3.42 -4.22
N THR C 38 17.92 -3.75 -3.80
CA THR C 38 18.18 -3.96 -2.38
C THR C 38 17.97 -2.67 -1.60
N LEU C 39 18.40 -1.53 -2.15
CA LEU C 39 18.21 -0.26 -1.44
C LEU C 39 16.73 0.01 -1.22
N VAL C 40 15.90 -0.20 -2.24
CA VAL C 40 14.48 0.06 -2.12
C VAL C 40 13.85 -0.86 -1.07
N ILE C 41 14.18 -2.15 -1.12
CA ILE C 41 13.59 -3.08 -0.16
C ILE C 41 13.95 -2.69 1.26
N LEU C 42 15.23 -2.40 1.51
CA LEU C 42 15.65 -2.03 2.86
C LEU C 42 14.97 -0.74 3.32
N ALA C 43 14.88 0.25 2.44
CA ALA C 43 14.28 1.53 2.81
C ALA C 43 12.82 1.35 3.18
N VAL C 44 12.08 0.57 2.39
CA VAL C 44 10.66 0.38 2.68
C VAL C 44 10.47 -0.40 3.98
N SER C 45 11.26 -1.45 4.18
CA SER C 45 11.04 -2.31 5.34
C SER C 45 11.51 -1.65 6.63
N LEU C 46 12.45 -0.71 6.55
CA LEU C 46 13.09 -0.23 7.77
C LEU C 46 12.27 0.85 8.46
N GLU C 47 11.88 1.89 7.73
CA GLU C 47 11.31 3.10 8.33
C GLU C 47 9.79 3.06 8.28
N LYS C 48 9.15 3.60 9.33
CA LYS C 48 7.71 3.72 9.34
C LYS C 48 7.23 4.91 8.50
N LYS C 49 8.11 5.88 8.24
CA LYS C 49 7.71 7.06 7.48
C LYS C 49 7.34 6.68 6.05
N LEU C 50 7.79 5.52 5.59
CA LEU C 50 7.53 5.06 4.24
C LEU C 50 6.54 3.89 4.18
N GLN C 51 5.98 3.47 5.31
CA GLN C 51 5.10 2.31 5.35
C GLN C 51 3.66 2.76 5.17
N TYR C 52 3.09 2.49 3.99
CA TYR C 52 1.67 2.65 3.76
C TYR C 52 1.25 1.81 2.56
N ALA C 53 0.00 1.99 2.12
CA ALA C 53 -0.63 1.03 1.24
C ALA C 53 0.06 0.94 -0.12
N THR C 54 0.51 2.08 -0.66
CA THR C 54 1.04 2.08 -2.01
C THR C 54 2.41 1.41 -2.08
N ASN C 55 3.22 1.55 -1.03
CA ASN C 55 4.62 1.16 -1.12
C ASN C 55 4.80 -0.35 -1.16
N TYR C 56 3.79 -1.11 -0.72
CA TYR C 56 3.92 -2.56 -0.74
C TYR C 56 3.95 -3.10 -2.17
N PHE C 57 3.21 -2.46 -3.08
CA PHE C 57 3.22 -2.88 -4.48
C PHE C 57 4.60 -2.66 -5.10
N LEU C 58 5.22 -1.53 -4.77
CA LEU C 58 6.58 -1.26 -5.23
C LEU C 58 7.57 -2.26 -4.61
N MET C 59 7.31 -2.66 -3.37
CA MET C 59 8.13 -3.71 -2.76
C MET C 59 8.03 -5.01 -3.55
N SER C 60 6.82 -5.37 -3.97
CA SER C 60 6.63 -6.57 -4.77
C SER C 60 7.39 -6.48 -6.09
N LEU C 61 7.30 -5.33 -6.75
CA LEU C 61 8.04 -5.14 -8.01
C LEU C 61 9.55 -5.25 -7.78
N ALA C 62 10.05 -4.67 -6.69
CA ALA C 62 11.47 -4.75 -6.39
C ALA C 62 11.89 -6.19 -6.13
N VAL C 63 11.06 -6.96 -5.44
CA VAL C 63 11.38 -8.38 -5.23
C VAL C 63 11.48 -9.11 -6.55
N ALA C 64 10.53 -8.87 -7.45
CA ALA C 64 10.56 -9.54 -8.76
C ALA C 64 11.85 -9.19 -9.52
N ASP C 65 12.19 -7.90 -9.56
CA ASP C 65 13.40 -7.49 -10.29
C ASP C 65 14.66 -8.06 -9.65
N LEU C 66 14.71 -8.09 -8.31
CA LEU C 66 15.88 -8.67 -7.65
C LEU C 66 16.04 -10.15 -7.97
N LEU C 67 14.94 -10.89 -7.97
CA LEU C 67 15.02 -12.30 -8.31
C LEU C 67 15.40 -12.51 -9.76
N VAL C 68 14.99 -11.60 -10.66
CA VAL C 68 15.49 -11.66 -12.03
C VAL C 68 17.00 -11.46 -12.04
N GLY C 69 17.48 -10.48 -11.30
CA GLY C 69 18.89 -10.14 -11.36
C GLY C 69 19.79 -11.15 -10.67
N LEU C 70 19.22 -11.97 -9.79
CA LEU C 70 20.06 -12.85 -8.97
C LEU C 70 20.31 -14.19 -9.66
N PHE C 71 19.31 -14.76 -10.33
CA PHE C 71 19.40 -16.12 -10.86
C PHE C 71 19.55 -16.17 -12.38
N VAL C 72 18.79 -15.37 -13.12
CA VAL C 72 18.71 -15.56 -14.57
C VAL C 72 19.98 -15.06 -15.25
N MET C 73 20.31 -13.79 -15.07
CA MET C 73 21.40 -13.16 -15.80
C MET C 73 22.76 -13.83 -15.61
N PRO C 74 23.15 -14.24 -14.39
CA PRO C 74 24.43 -14.95 -14.28
C PRO C 74 24.52 -16.22 -15.11
N ILE C 75 23.46 -17.02 -15.11
CA ILE C 75 23.48 -18.26 -15.89
C ILE C 75 23.46 -17.96 -17.38
N ALA C 76 22.70 -16.95 -17.79
CA ALA C 76 22.72 -16.55 -19.19
C ALA C 76 24.11 -16.11 -19.61
N LEU C 77 24.79 -15.36 -18.75
CA LEU C 77 26.16 -14.95 -19.04
C LEU C 77 27.09 -16.16 -19.15
N LEU C 78 26.90 -17.15 -18.27
CA LEU C 78 27.72 -18.35 -18.37
C LEU C 78 27.51 -19.06 -19.70
N THR C 79 26.25 -19.19 -20.14
CA THR C 79 26.01 -19.85 -21.42
C THR C 79 26.58 -19.05 -22.58
N ILE C 80 26.58 -17.72 -22.46
CA ILE C 80 27.20 -16.91 -23.51
C ILE C 80 28.70 -17.11 -23.54
N MET C 81 29.33 -17.22 -22.36
CA MET C 81 30.79 -17.32 -22.30
C MET C 81 31.28 -18.59 -22.97
N PHE C 82 30.61 -19.71 -22.73
CA PHE C 82 30.97 -20.95 -23.41
C PHE C 82 30.40 -20.96 -24.82
N GLU C 83 30.54 -22.11 -25.48
CA GLU C 83 30.00 -22.27 -26.83
C GLU C 83 28.53 -22.68 -26.79
N ALA C 84 27.74 -21.93 -26.04
CA ALA C 84 26.30 -22.11 -25.90
C ALA C 84 25.91 -23.48 -25.33
N MET C 85 26.83 -24.18 -24.69
CA MET C 85 26.52 -25.48 -24.11
C MET C 85 25.99 -25.32 -22.69
N TRP C 86 25.54 -26.44 -22.12
CA TRP C 86 24.90 -26.42 -20.81
C TRP C 86 25.85 -27.00 -19.78
N PRO C 87 26.40 -26.19 -18.87
CA PRO C 87 27.35 -26.75 -17.89
C PRO C 87 26.68 -27.47 -16.72
N LEU C 88 25.55 -26.96 -16.25
CA LEU C 88 24.88 -27.52 -15.08
C LEU C 88 24.22 -28.86 -15.43
N PRO C 89 23.83 -29.64 -14.43
CA PRO C 89 23.16 -30.92 -14.72
C PRO C 89 21.93 -30.75 -15.60
N LEU C 90 21.44 -31.88 -16.12
CA LEU C 90 20.39 -31.85 -17.13
C LEU C 90 19.05 -31.43 -16.55
N VAL C 91 18.74 -31.87 -15.33
CA VAL C 91 17.42 -31.65 -14.76
C VAL C 91 17.17 -30.17 -14.50
N LEU C 92 18.22 -29.37 -14.36
CA LEU C 92 18.05 -27.99 -13.93
C LEU C 92 17.56 -27.09 -15.07
N CYS C 93 17.61 -27.56 -16.31
CA CYS C 93 17.22 -26.70 -17.44
C CYS C 93 15.74 -26.31 -17.43
N PRO C 94 14.79 -27.23 -17.30
CA PRO C 94 13.38 -26.80 -17.27
C PRO C 94 13.08 -25.84 -16.13
N ALA C 95 13.72 -26.02 -14.97
CA ALA C 95 13.53 -25.10 -13.87
C ALA C 95 13.98 -23.70 -14.23
N TRP C 96 15.12 -23.59 -14.93
CA TRP C 96 15.61 -22.29 -15.35
C TRP C 96 14.63 -21.61 -16.31
N LEU C 97 14.12 -22.38 -17.29
CA LEU C 97 13.16 -21.80 -18.22
C LEU C 97 11.91 -21.33 -17.49
N PHE C 98 11.40 -22.14 -16.56
CA PHE C 98 10.20 -21.80 -15.82
C PHE C 98 10.39 -20.52 -15.01
N LEU C 99 11.53 -20.41 -14.31
CA LEU C 99 11.79 -19.20 -13.53
C LEU C 99 11.88 -17.97 -14.41
N ASP C 100 12.56 -18.08 -15.55
CA ASP C 100 12.65 -16.95 -16.47
C ASP C 100 11.27 -16.45 -16.87
N VAL C 101 10.42 -17.35 -17.35
CA VAL C 101 9.10 -16.94 -17.82
C VAL C 101 8.30 -16.31 -16.68
N LEU C 102 8.31 -16.95 -15.51
CA LEU C 102 7.52 -16.47 -14.38
C LEU C 102 7.91 -15.05 -13.99
N PHE C 103 9.22 -14.81 -13.83
CA PHE C 103 9.66 -13.49 -13.38
C PHE C 103 9.35 -12.41 -14.39
N SER C 104 9.60 -12.67 -15.67
CA SER C 104 9.35 -11.64 -16.68
C SER C 104 7.87 -11.27 -16.73
N THR C 105 6.99 -12.29 -16.72
CA THR C 105 5.56 -12.00 -16.78
C THR C 105 5.11 -11.22 -15.56
N ALA C 106 5.63 -11.57 -14.38
CA ALA C 106 5.23 -10.86 -13.17
C ALA C 106 5.61 -9.39 -13.26
N SER C 107 6.83 -9.08 -13.72
CA SER C 107 7.24 -7.68 -13.82
C SER C 107 6.34 -6.90 -14.77
N ILE C 108 6.05 -7.47 -15.94
CA ILE C 108 5.24 -6.74 -16.92
C ILE C 108 3.85 -6.46 -16.36
N TRP C 109 3.23 -7.46 -15.73
CA TRP C 109 1.88 -7.24 -15.21
C TRP C 109 1.88 -6.25 -14.06
N HIS C 110 2.95 -6.19 -13.28
CA HIS C 110 3.04 -5.17 -12.25
C HIS C 110 3.02 -3.78 -12.86
N LEU C 111 3.78 -3.57 -13.93
CA LEU C 111 3.77 -2.25 -14.58
C LEU C 111 2.37 -1.88 -15.09
N CYS C 112 1.69 -2.84 -15.71
CA CYS C 112 0.34 -2.55 -16.21
C CYS C 112 -0.61 -2.18 -15.08
N ALA C 113 -0.55 -2.91 -13.97
CA ALA C 113 -1.42 -2.61 -12.84
C ALA C 113 -1.16 -1.22 -12.29
N ILE C 114 0.12 -0.83 -12.19
CA ILE C 114 0.45 0.52 -11.71
C ILE C 114 -0.18 1.57 -12.61
N SER C 115 -0.08 1.39 -13.93
CA SER C 115 -0.66 2.38 -14.84
C SER C 115 -2.17 2.51 -14.64
N VAL C 116 -2.87 1.37 -14.53
CA VAL C 116 -4.32 1.43 -14.36
C VAL C 116 -4.68 2.12 -13.06
N ASP C 117 -3.95 1.82 -11.98
CA ASP C 117 -4.22 2.47 -10.69
C ASP C 117 -4.03 3.97 -10.79
N ARG C 118 -2.98 4.41 -11.48
CA ARG C 118 -2.75 5.84 -11.65
C ARG C 118 -3.93 6.51 -12.36
N TYR C 119 -4.42 5.89 -13.45
CA TYR C 119 -5.55 6.50 -14.15
C TYR C 119 -6.78 6.60 -13.26
N ILE C 120 -7.10 5.51 -12.55
CA ILE C 120 -8.29 5.53 -11.70
C ILE C 120 -8.15 6.59 -10.62
N ALA C 121 -6.95 6.76 -10.07
CA ALA C 121 -6.75 7.80 -9.07
C ALA C 121 -6.97 9.18 -9.65
N ILE C 122 -6.46 9.43 -10.87
CA ILE C 122 -6.57 10.77 -11.43
C ILE C 122 -8.03 11.10 -11.79
N LYS C 123 -8.77 10.12 -12.31
CA LYS C 123 -10.13 10.40 -12.77
C LYS C 123 -11.04 10.83 -11.63
N LYS C 124 -11.10 10.04 -10.56
CA LYS C 124 -11.95 10.33 -9.41
C LYS C 124 -11.08 10.39 -8.16
N PRO C 125 -10.75 11.58 -7.68
CA PRO C 125 -9.77 11.67 -6.57
C PRO C 125 -10.29 11.20 -5.24
N ILE C 126 -11.53 11.55 -4.88
CA ILE C 126 -12.02 11.25 -3.53
C ILE C 126 -12.34 9.78 -3.37
N GLN C 127 -12.93 9.15 -4.41
CA GLN C 127 -13.27 7.73 -4.33
C GLN C 127 -12.01 6.88 -4.18
N ALA C 128 -10.93 7.25 -4.87
CA ALA C 128 -9.70 6.48 -4.79
C ALA C 128 -9.14 6.45 -3.38
N ASN C 129 -9.18 7.58 -2.68
CA ASN C 129 -8.66 7.63 -1.31
C ASN C 129 -9.43 6.70 -0.39
N GLN C 130 -10.76 6.68 -0.52
CA GLN C 130 -11.56 5.80 0.33
C GLN C 130 -11.32 4.34 -0.02
N TYR C 131 -11.31 4.01 -1.31
CA TYR C 131 -11.13 2.61 -1.70
C TYR C 131 -9.73 2.10 -1.38
N ASN C 132 -8.73 2.95 -1.51
CA ASN C 132 -7.35 2.54 -1.25
C ASN C 132 -7.20 2.09 0.20
N SER C 133 -6.51 0.96 0.38
CA SER C 133 -6.32 0.39 1.70
C SER C 133 -5.22 -0.66 1.60
N ARG C 134 -4.92 -1.30 2.75
CA ARG C 134 -3.91 -2.35 2.77
C ARG C 134 -4.45 -3.65 2.22
N ALA C 135 -5.71 -3.97 2.51
CA ALA C 135 -6.31 -5.21 2.02
C ALA C 135 -6.37 -5.23 0.49
N THR C 136 -6.68 -4.08 -0.11
CA THR C 136 -6.71 -4.02 -1.57
C THR C 136 -5.33 -4.28 -2.16
N ALA C 137 -4.28 -3.76 -1.52
CA ALA C 137 -2.93 -4.03 -1.97
C ALA C 137 -2.61 -5.52 -1.90
N PHE C 138 -2.99 -6.17 -0.80
CA PHE C 138 -2.75 -7.61 -0.70
C PHE C 138 -3.49 -8.37 -1.80
N ILE C 139 -4.74 -8.00 -2.05
CA ILE C 139 -5.52 -8.68 -3.08
C ILE C 139 -4.85 -8.53 -4.45
N LYS C 140 -4.42 -7.30 -4.78
CA LYS C 140 -3.80 -7.08 -6.08
C LYS C 140 -2.51 -7.87 -6.23
N ILE C 141 -1.68 -7.90 -5.17
CA ILE C 141 -0.43 -8.66 -5.23
C ILE C 141 -0.72 -10.13 -5.48
N THR C 142 -1.68 -10.70 -4.75
CA THR C 142 -2.02 -12.10 -4.92
C THR C 142 -2.49 -12.39 -6.33
N VAL C 143 -3.35 -11.53 -6.87
CA VAL C 143 -3.88 -11.76 -8.21
C VAL C 143 -2.76 -11.74 -9.25
N VAL C 144 -1.86 -10.77 -9.16
CA VAL C 144 -0.79 -10.67 -10.16
C VAL C 144 0.09 -11.91 -10.12
N TRP C 145 0.48 -12.34 -8.92
CA TRP C 145 1.38 -13.49 -8.84
C TRP C 145 0.68 -14.77 -9.28
N LEU C 146 -0.61 -14.92 -8.97
CA LEU C 146 -1.34 -16.09 -9.45
C LEU C 146 -1.38 -16.13 -10.97
N ILE C 147 -1.62 -14.98 -11.61
CA ILE C 147 -1.64 -14.96 -13.08
C ILE C 147 -0.28 -15.37 -13.63
N SER C 148 0.79 -14.83 -13.07
CA SER C 148 2.13 -15.17 -13.58
C SER C 148 2.42 -16.66 -13.43
N ILE C 149 2.11 -17.24 -12.27
CA ILE C 149 2.36 -18.67 -12.06
C ILE C 149 1.53 -19.50 -13.01
N GLY C 150 0.25 -19.14 -13.19
CA GLY C 150 -0.59 -19.90 -14.08
C GLY C 150 -0.11 -19.88 -15.52
N ILE C 151 0.42 -18.73 -15.96
CA ILE C 151 0.95 -18.65 -17.32
C ILE C 151 2.22 -19.48 -17.45
N ALA C 152 3.08 -19.45 -16.43
CA ALA C 152 4.39 -20.09 -16.56
C ALA C 152 4.40 -21.58 -16.21
N ILE C 153 3.30 -22.13 -15.67
CA ILE C 153 3.32 -23.52 -15.22
C ILE C 153 3.61 -24.55 -16.30
N PRO C 154 3.05 -24.47 -17.53
CA PRO C 154 3.09 -25.67 -18.39
C PRO C 154 4.47 -26.07 -18.87
N VAL C 155 5.48 -25.21 -18.77
CA VAL C 155 6.78 -25.51 -19.37
C VAL C 155 7.45 -26.75 -18.76
N PRO C 156 7.60 -26.86 -17.43
CA PRO C 156 8.26 -28.07 -16.89
C PRO C 156 7.49 -29.35 -17.14
N ILE C 157 6.18 -29.27 -17.40
CA ILE C 157 5.40 -30.49 -17.62
C ILE C 157 5.87 -31.20 -18.89
N LYS C 158 6.02 -30.45 -19.98
CA LYS C 158 6.54 -31.00 -21.23
C LYS C 158 8.03 -30.74 -21.27
N GLY C 159 8.82 -31.74 -20.89
CA GLY C 159 10.25 -31.56 -20.85
C GLY C 159 10.89 -31.50 -22.22
N ILE C 160 12.14 -31.06 -22.24
CA ILE C 160 12.87 -30.95 -23.49
C ILE C 160 13.22 -32.34 -24.02
N GLU C 161 13.36 -32.44 -25.34
CA GLU C 161 13.72 -33.68 -26.00
C GLU C 161 15.11 -33.54 -26.61
N THR C 162 15.98 -34.49 -26.30
CA THR C 162 17.38 -34.42 -26.71
C THR C 162 17.83 -35.74 -27.31
N ASP C 163 18.87 -35.67 -28.15
CA ASP C 163 19.40 -36.87 -28.79
C ASP C 163 20.25 -37.70 -27.84
N VAL C 164 20.99 -37.04 -26.94
CA VAL C 164 21.90 -37.71 -26.04
C VAL C 164 21.63 -37.21 -24.62
N ASP C 165 22.16 -37.94 -23.64
CA ASP C 165 21.90 -37.60 -22.24
C ASP C 165 23.03 -36.78 -21.63
N ASN C 166 24.15 -36.64 -22.34
CA ASN C 166 25.27 -35.90 -21.80
C ASN C 166 24.95 -34.41 -21.79
N PRO C 167 24.98 -33.74 -20.63
CA PRO C 167 24.71 -32.30 -20.61
C PRO C 167 25.73 -31.50 -21.39
N ASN C 168 26.96 -31.99 -21.49
CA ASN C 168 28.04 -31.21 -22.08
C ASN C 168 27.80 -30.95 -23.57
N ASN C 169 27.00 -31.78 -24.22
CA ASN C 169 26.88 -31.69 -25.67
C ASN C 169 25.47 -31.37 -26.14
N ILE C 170 24.66 -30.68 -25.32
CA ILE C 170 23.35 -30.23 -25.74
C ILE C 170 23.22 -28.75 -25.45
N THR C 171 22.11 -28.16 -25.91
CA THR C 171 21.83 -26.74 -25.76
C THR C 171 20.40 -26.53 -25.33
N CYS C 172 20.19 -25.67 -24.33
CA CYS C 172 18.87 -25.38 -23.80
C CYS C 172 18.24 -24.22 -24.55
N VAL C 173 17.13 -24.49 -25.23
CA VAL C 173 16.36 -23.47 -25.93
C VAL C 173 14.99 -24.05 -26.24
N LEU C 174 14.00 -23.18 -26.44
CA LEU C 174 12.65 -23.61 -26.77
C LEU C 174 12.55 -23.80 -28.28
N THR C 175 12.58 -25.05 -28.73
CA THR C 175 12.49 -25.33 -30.15
C THR C 175 11.08 -25.05 -30.66
N LYS C 176 10.99 -24.68 -31.93
CA LYS C 176 9.70 -24.35 -32.53
C LYS C 176 8.80 -25.57 -32.61
N GLU C 177 9.37 -26.72 -32.96
CA GLU C 177 8.55 -27.91 -33.22
C GLU C 177 7.84 -28.37 -31.95
N ARG C 178 8.49 -28.23 -30.79
CA ARG C 178 7.91 -28.75 -29.56
C ARG C 178 6.99 -27.73 -28.89
N PHE C 179 7.30 -26.44 -29.01
CA PHE C 179 6.62 -25.40 -28.25
C PHE C 179 6.07 -24.29 -29.12
N GLY C 180 5.67 -24.58 -30.36
CA GLY C 180 5.16 -23.52 -31.23
C GLY C 180 3.89 -22.90 -30.70
N ASP C 181 2.90 -23.72 -30.33
CA ASP C 181 1.65 -23.20 -29.80
C ASP C 181 1.87 -22.45 -28.50
N PHE C 182 2.72 -22.97 -27.63
CA PHE C 182 2.99 -22.29 -26.38
C PHE C 182 3.64 -20.94 -26.62
N MET C 183 4.62 -20.86 -27.53
CA MET C 183 5.24 -19.57 -27.80
C MET C 183 4.23 -18.58 -28.35
N LEU C 184 3.40 -19.00 -29.30
CA LEU C 184 2.40 -18.10 -29.87
C LEU C 184 1.45 -17.58 -28.79
N PHE C 185 0.87 -18.48 -28.01
CA PHE C 185 -0.16 -18.06 -27.06
C PHE C 185 0.43 -17.33 -25.86
N GLY C 186 1.62 -17.72 -25.42
CA GLY C 186 2.28 -16.99 -24.35
C GLY C 186 2.71 -15.60 -24.79
N SER C 187 3.13 -15.45 -26.04
CA SER C 187 3.42 -14.12 -26.55
C SER C 187 2.17 -13.27 -26.59
N LEU C 188 1.04 -13.85 -27.02
CA LEU C 188 -0.20 -13.08 -27.06
C LEU C 188 -0.66 -12.68 -25.66
N ALA C 189 -0.55 -13.59 -24.69
CA ALA C 189 -1.13 -13.34 -23.37
C ALA C 189 -0.22 -12.47 -22.52
N ALA C 190 1.10 -12.69 -22.59
CA ALA C 190 2.00 -12.05 -21.65
C ALA C 190 2.24 -10.58 -22.00
N PHE C 191 2.25 -10.23 -23.29
CA PHE C 191 2.68 -8.91 -23.70
C PHE C 191 1.58 -8.07 -24.34
N PHE C 192 0.84 -8.61 -25.30
CA PHE C 192 -0.05 -7.78 -26.09
C PHE C 192 -1.30 -7.39 -25.31
N THR C 193 -1.80 -8.28 -24.47
CA THR C 193 -2.94 -7.92 -23.62
C THR C 193 -2.62 -6.75 -22.69
N PRO C 194 -1.50 -6.73 -21.96
CA PRO C 194 -1.14 -5.51 -21.23
C PRO C 194 -0.92 -4.30 -22.14
N LEU C 195 -0.40 -4.53 -23.34
CA LEU C 195 -0.08 -3.44 -24.25
C LEU C 195 -1.34 -2.67 -24.64
N ALA C 196 -2.41 -3.40 -24.96
CA ALA C 196 -3.65 -2.74 -25.34
C ALA C 196 -4.19 -1.88 -24.20
N ILE C 197 -4.14 -2.40 -22.98
CA ILE C 197 -4.65 -1.65 -21.82
C ILE C 197 -3.83 -0.38 -21.62
N MET C 198 -2.51 -0.47 -21.69
CA MET C 198 -1.70 0.73 -21.52
C MET C 198 -1.98 1.74 -22.63
N ILE C 199 -2.14 1.26 -23.86
CA ILE C 199 -2.37 2.17 -24.99
C ILE C 199 -3.66 2.95 -24.81
N VAL C 200 -4.74 2.25 -24.41
CA VAL C 200 -6.01 2.96 -24.24
C VAL C 200 -5.95 3.88 -23.02
N THR C 201 -5.30 3.43 -21.94
CA THR C 201 -5.27 4.20 -20.71
C THR C 201 -4.52 5.52 -20.91
N TYR C 202 -3.44 5.51 -21.70
CA TYR C 202 -2.69 6.73 -21.92
C TYR C 202 -3.56 7.82 -22.53
N PHE C 203 -4.27 7.49 -23.60
CA PHE C 203 -5.13 8.47 -24.25
C PHE C 203 -6.25 8.92 -23.33
N LEU C 204 -6.88 7.98 -22.60
CA LEU C 204 -7.95 8.38 -21.70
C LEU C 204 -7.45 9.34 -20.62
N THR C 205 -6.27 9.06 -20.05
CA THR C 205 -5.73 9.91 -19.01
C THR C 205 -5.40 11.30 -19.53
N ILE C 206 -4.77 11.38 -20.71
CA ILE C 206 -4.42 12.69 -21.26
C ILE C 206 -5.66 13.50 -21.56
N HIS C 207 -6.68 12.85 -22.13
CA HIS C 207 -7.94 13.53 -22.42
C HIS C 207 -8.58 14.03 -21.13
N ALA C 208 -8.53 13.22 -20.08
CA ALA C 208 -9.06 13.63 -18.79
C ALA C 208 -8.32 14.85 -18.26
N LEU C 209 -6.99 14.86 -18.39
CA LEU C 209 -6.21 15.99 -17.90
C LEU C 209 -6.61 17.27 -18.63
N GLN C 210 -6.74 17.20 -19.96
CA GLN C 210 -7.07 18.42 -20.70
C GLN C 210 -8.45 18.95 -20.30
N LYS C 211 -9.45 18.07 -20.20
CA LYS C 211 -10.77 18.59 -19.83
C LYS C 211 -10.80 19.10 -18.40
N VAL C 212 -10.11 18.44 -17.48
CA VAL C 212 -10.09 18.88 -16.09
C VAL C 212 -9.44 20.25 -15.98
N ARG C 213 -8.30 20.44 -16.66
CA ARG C 213 -7.66 21.75 -16.66
C ARG C 213 -8.53 22.81 -17.32
N LEU C 214 -9.42 22.39 -18.23
CA LEU C 214 -10.30 23.37 -18.88
C LEU C 214 -11.21 24.07 -17.88
N LEU C 215 -11.77 23.33 -16.94
CA LEU C 215 -12.77 23.89 -16.03
C LEU C 215 -12.13 24.61 -14.85
N SER C 216 -11.38 23.87 -14.04
CA SER C 216 -10.76 24.42 -12.84
C SER C 216 -9.81 25.57 -13.16
N ARG C 219 -5.87 29.10 -11.95
CA ARG C 219 -5.40 30.05 -12.94
C ARG C 219 -3.88 30.01 -13.06
N GLN C 220 -3.26 29.09 -12.33
CA GLN C 220 -1.81 28.95 -12.37
C GLN C 220 -1.36 27.50 -12.25
N THR C 221 -2.28 26.53 -12.28
CA THR C 221 -1.90 25.13 -12.20
C THR C 221 -1.72 24.49 -13.57
N ILE C 222 -1.66 25.28 -14.63
CA ILE C 222 -1.57 24.74 -15.98
C ILE C 222 -0.22 24.03 -16.17
N SER C 223 0.86 24.66 -15.72
CA SER C 223 2.20 24.14 -15.95
C SER C 223 2.38 22.78 -15.31
N ASN C 224 1.84 22.59 -14.11
CA ASN C 224 1.95 21.30 -13.44
C ASN C 224 1.29 20.20 -14.24
N LEU C 225 0.08 20.46 -14.76
CA LEU C 225 -0.62 19.43 -15.52
C LEU C 225 0.12 19.10 -16.80
N GLN C 226 0.64 20.13 -17.49
CA GLN C 226 1.39 19.88 -18.70
C GLN C 226 2.66 19.06 -18.44
N ARG C 227 3.40 19.42 -17.39
CA ARG C 227 4.61 18.69 -17.03
C ARG C 227 4.30 17.24 -16.67
N ALA C 228 3.21 17.01 -15.95
CA ALA C 228 2.81 15.64 -15.64
C ALA C 228 2.48 14.86 -16.91
N SER C 229 1.81 15.50 -17.87
CA SER C 229 1.50 14.82 -19.11
C SER C 229 2.77 14.39 -19.85
N LYS C 230 3.73 15.30 -19.92
CA LYS C 230 5.03 14.96 -20.57
C LYS C 230 5.64 13.77 -19.85
N VAL C 231 5.68 13.80 -18.51
CA VAL C 231 6.30 12.72 -17.75
C VAL C 231 5.64 11.38 -18.06
N LEU C 232 4.31 11.36 -18.11
CA LEU C 232 3.60 10.12 -18.43
C LEU C 232 3.96 9.62 -19.81
N GLY C 233 4.05 10.53 -20.79
CA GLY C 233 4.43 10.11 -22.14
C GLY C 233 5.80 9.45 -22.17
N ILE C 234 6.77 10.06 -21.49
CA ILE C 234 8.12 9.49 -21.47
C ILE C 234 8.11 8.12 -20.82
N VAL C 235 7.38 7.98 -19.71
CA VAL C 235 7.34 6.70 -19.01
C VAL C 235 6.76 5.61 -19.90
N PHE C 236 5.70 5.92 -20.66
CA PHE C 236 5.13 4.93 -21.56
C PHE C 236 6.12 4.55 -22.67
N PHE C 237 6.79 5.55 -23.24
CA PHE C 237 7.73 5.25 -24.33
C PHE C 237 8.84 4.34 -23.87
N LEU C 238 9.32 4.53 -22.63
CA LEU C 238 10.38 3.66 -22.13
C LEU C 238 9.98 2.19 -22.09
N PHE C 239 8.77 1.87 -21.63
CA PHE C 239 8.29 0.49 -21.66
C PHE C 239 8.19 -0.04 -23.08
N LEU C 240 7.56 0.75 -23.97
CA LEU C 240 7.31 0.25 -25.33
C LEU C 240 8.62 -0.08 -26.02
N LEU C 241 9.58 0.85 -25.98
CA LEU C 241 10.84 0.66 -26.70
C LEU C 241 11.61 -0.54 -26.15
N MET C 242 11.62 -0.71 -24.83
CA MET C 242 12.38 -1.81 -24.24
C MET C 242 11.78 -3.16 -24.60
N TRP C 243 10.45 -3.30 -24.55
CA TRP C 243 9.90 -4.65 -24.63
C TRP C 243 9.28 -5.03 -25.98
N CYS C 244 9.23 -4.13 -26.96
CA CYS C 244 8.55 -4.48 -28.21
C CYS C 244 9.33 -5.38 -29.16
N PRO C 245 10.60 -5.10 -29.49
CA PRO C 245 11.25 -5.85 -30.58
C PRO C 245 11.36 -7.34 -30.35
N PHE C 246 11.62 -7.78 -29.11
CA PHE C 246 11.82 -9.20 -28.86
C PHE C 246 10.55 -9.99 -29.18
N PHE C 247 9.40 -9.50 -28.73
CA PHE C 247 8.16 -10.22 -28.96
C PHE C 247 7.73 -10.13 -30.43
N ILE C 248 8.00 -9.00 -31.08
CA ILE C 248 7.73 -8.94 -32.52
C ILE C 248 8.55 -10.01 -33.25
N THR C 249 9.84 -10.11 -32.92
CA THR C 249 10.69 -11.09 -33.59
C THR C 249 10.24 -12.52 -33.29
N ASN C 250 9.82 -12.78 -32.05
CA ASN C 250 9.36 -14.12 -31.69
C ASN C 250 8.13 -14.52 -32.50
N ILE C 251 7.15 -13.60 -32.61
CA ILE C 251 5.97 -13.91 -33.40
C ILE C 251 6.34 -14.13 -34.85
N THR C 252 7.22 -13.29 -35.39
CA THR C 252 7.64 -13.46 -36.78
C THR C 252 8.30 -14.81 -37.00
N LEU C 253 9.16 -15.22 -36.07
CA LEU C 253 9.82 -16.52 -36.20
C LEU C 253 8.81 -17.66 -36.18
N VAL C 254 7.83 -17.57 -35.28
CA VAL C 254 6.83 -18.65 -35.22
C VAL C 254 6.01 -18.71 -36.51
N LEU C 255 5.56 -17.55 -37.00
CA LEU C 255 4.55 -17.53 -38.05
C LEU C 255 5.09 -17.45 -39.47
N CYS C 256 6.40 -17.38 -39.66
CA CYS C 256 6.98 -17.27 -41.00
C CYS C 256 7.77 -18.53 -41.30
N ASP C 257 7.22 -19.39 -42.18
CA ASP C 257 7.91 -20.60 -42.57
C ASP C 257 9.05 -20.30 -43.55
N SER C 258 8.83 -19.34 -44.46
CA SER C 258 9.85 -19.06 -45.47
C SER C 258 11.08 -18.40 -44.86
N CYS C 259 10.91 -17.68 -43.76
CA CYS C 259 12.00 -16.92 -43.19
C CYS C 259 13.12 -17.84 -42.71
N ASN C 260 14.36 -17.41 -42.91
CA ASN C 260 15.51 -18.17 -42.45
C ASN C 260 15.54 -18.19 -40.92
N GLN C 261 15.72 -19.38 -40.34
CA GLN C 261 15.64 -19.51 -38.90
C GLN C 261 16.92 -19.03 -38.22
N THR C 262 18.08 -19.27 -38.84
CA THR C 262 19.35 -18.90 -38.21
C THR C 262 19.46 -17.39 -38.04
N THR C 263 19.07 -16.63 -39.07
CA THR C 263 19.13 -15.18 -38.99
C THR C 263 18.23 -14.65 -37.88
N LEU C 264 17.03 -15.22 -37.76
CA LEU C 264 16.12 -14.78 -36.71
C LEU C 264 16.64 -15.12 -35.33
N GLN C 265 17.25 -16.31 -35.18
CA GLN C 265 17.82 -16.68 -33.89
C GLN C 265 18.96 -15.77 -33.48
N MET C 266 19.81 -15.39 -34.44
CA MET C 266 20.91 -14.47 -34.14
C MET C 266 20.38 -13.14 -33.62
N LEU C 267 19.30 -12.63 -34.21
CA LEU C 267 18.72 -11.37 -33.75
C LEU C 267 18.06 -11.53 -32.38
N LEU C 268 17.37 -12.65 -32.17
CA LEU C 268 16.64 -12.87 -30.93
C LEU C 268 17.59 -12.93 -29.74
N GLU C 269 18.75 -13.60 -29.92
CA GLU C 269 19.71 -13.70 -28.84
C GLU C 269 20.23 -12.32 -28.43
N ILE C 270 20.39 -11.42 -29.38
CA ILE C 270 20.77 -10.04 -29.04
C ILE C 270 19.62 -9.32 -28.36
N PHE C 271 18.40 -9.53 -28.84
CA PHE C 271 17.28 -8.70 -28.41
C PHE C 271 16.86 -9.01 -26.98
N VAL C 272 17.15 -10.22 -26.50
CA VAL C 272 16.69 -10.57 -25.14
C VAL C 272 17.33 -9.68 -24.08
N TRP C 273 18.53 -9.17 -24.37
CA TRP C 273 19.28 -8.46 -23.33
C TRP C 273 18.69 -7.09 -23.03
N ILE C 274 18.03 -6.48 -24.01
CA ILE C 274 17.36 -5.21 -23.74
C ILE C 274 16.23 -5.40 -22.74
N GLY C 275 15.44 -6.47 -22.91
CA GLY C 275 14.43 -6.80 -21.93
C GLY C 275 15.02 -7.07 -20.56
N TYR C 276 16.17 -7.75 -20.52
CA TYR C 276 16.83 -7.94 -19.22
C TYR C 276 17.24 -6.62 -18.58
N VAL C 277 17.79 -5.69 -19.37
CA VAL C 277 18.24 -4.40 -18.83
C VAL C 277 17.06 -3.57 -18.32
N SER C 278 15.89 -3.73 -18.94
CA SER C 278 14.71 -3.01 -18.49
C SER C 278 14.43 -3.22 -17.01
N SER C 279 14.69 -4.43 -16.51
CA SER C 279 14.43 -4.72 -15.10
C SER C 279 15.30 -3.87 -14.18
N GLY C 280 16.58 -3.72 -14.53
CA GLY C 280 17.43 -2.84 -13.74
C GLY C 280 17.06 -1.38 -13.88
N VAL C 281 16.61 -0.98 -15.06
CA VAL C 281 16.27 0.43 -15.28
C VAL C 281 15.02 0.81 -14.49
N ASN C 282 14.07 -0.11 -14.35
CA ASN C 282 12.76 0.24 -13.82
C ASN C 282 12.77 0.88 -12.42
N PRO C 283 13.45 0.34 -11.40
CA PRO C 283 13.27 0.89 -10.05
C PRO C 283 13.67 2.34 -9.91
N LEU C 284 14.70 2.79 -10.63
CA LEU C 284 15.19 4.16 -10.46
C LEU C 284 14.11 5.17 -10.82
N VAL C 285 13.41 4.95 -11.94
CA VAL C 285 12.40 5.90 -12.41
C VAL C 285 11.33 6.10 -11.36
N TYR C 286 10.93 5.03 -10.68
CA TYR C 286 9.83 5.11 -9.74
C TYR C 286 10.28 5.58 -8.35
N THR C 287 11.53 5.30 -7.98
CA THR C 287 11.95 5.66 -6.62
C THR C 287 12.54 7.06 -6.55
N LEU C 288 13.30 7.47 -7.57
CA LEU C 288 14.06 8.71 -7.47
C LEU C 288 13.15 9.93 -7.48
N PHE C 289 12.10 9.89 -8.29
CA PHE C 289 11.20 11.04 -8.38
C PHE C 289 10.41 11.24 -7.07
N ASN C 290 10.26 10.17 -6.29
CA ASN C 290 9.52 10.27 -5.05
C ASN C 290 10.32 11.00 -3.99
N LYS C 291 9.72 12.03 -3.40
CA LYS C 291 10.44 12.90 -2.47
C LYS C 291 10.64 12.25 -1.11
N THR C 292 9.70 11.40 -0.68
CA THR C 292 9.79 10.81 0.65
C THR C 292 11.04 9.93 0.79
N PHE C 293 11.37 9.19 -0.27
CA PHE C 293 12.59 8.37 -0.23
C PHE C 293 13.82 9.23 -0.03
N ARG C 294 13.93 10.33 -0.76
CA ARG C 294 15.09 11.20 -0.63
C ARG C 294 15.13 11.85 0.74
N ASP C 295 13.95 12.22 1.28
CA ASP C 295 13.91 12.81 2.62
C ASP C 295 14.38 11.82 3.67
N ALA C 296 13.94 10.56 3.57
CA ALA C 296 14.39 9.54 4.51
C ALA C 296 15.89 9.29 4.38
N PHE C 297 16.39 9.25 3.14
CA PHE C 297 17.83 9.09 2.93
C PHE C 297 18.60 10.22 3.60
N GLY C 298 18.15 11.47 3.41
CA GLY C 298 18.85 12.60 4.00
C GLY C 298 18.79 12.56 5.52
N ARG C 299 17.64 12.21 6.08
CA ARG C 299 17.52 12.14 7.53
C ARG C 299 18.44 11.08 8.10
N TYR C 300 18.51 9.91 7.45
CA TYR C 300 19.38 8.85 7.95
C TYR C 300 20.85 9.21 7.79
N ILE C 301 21.20 9.89 6.70
CA ILE C 301 22.58 10.32 6.49
C ILE C 301 22.97 11.36 7.53
N THR C 302 22.02 12.21 7.93
CA THR C 302 22.28 13.15 9.02
C THR C 302 22.59 12.42 10.31
N CYS C 303 22.01 11.23 10.50
CA CYS C 303 22.27 10.42 11.68
C CYS C 303 23.52 9.57 11.50
N ILE C 322 4.96 37.21 11.49
CA ILE C 322 5.04 35.77 11.27
C ILE C 322 4.10 35.03 12.21
N GLN C 323 3.65 35.70 13.26
CA GLN C 323 2.73 35.10 14.22
C GLN C 323 1.67 36.10 14.70
N ILE C 327 -3.22 42.88 21.16
CA ILE C 327 -3.05 44.16 21.81
C ILE C 327 -4.36 44.52 22.50
N ILE C 328 -4.29 45.28 23.59
CA ILE C 328 -5.45 45.64 24.38
C ILE C 328 -5.74 47.12 24.17
N LEU C 329 -6.99 47.45 23.86
CA LEU C 329 -7.39 48.82 23.61
C LEU C 329 -7.47 49.62 24.90
N THR D 5 -11.04 44.77 25.96
CA THR D 5 -11.22 44.15 24.65
C THR D 5 -9.87 43.78 24.04
N ARG D 6 -9.89 42.80 23.12
CA ARG D 6 -8.69 42.31 22.47
C ARG D 6 -8.80 42.49 20.96
N VAL D 7 -7.66 42.75 20.33
CA VAL D 7 -7.56 42.92 18.88
C VAL D 7 -6.41 42.06 18.38
N PHE D 8 -6.62 41.42 17.23
CA PHE D 8 -5.62 40.53 16.66
C PHE D 8 -4.91 41.23 15.51
N LYS D 9 -3.58 41.29 15.58
CA LYS D 9 -2.79 42.02 14.60
C LYS D 9 -1.72 41.13 14.00
N LYS D 10 -1.38 41.38 12.74
CA LYS D 10 -0.30 40.67 12.08
C LYS D 10 0.47 41.63 11.19
N ALA D 11 1.76 41.34 10.99
CA ALA D 11 2.65 42.19 10.22
C ALA D 11 3.34 41.40 9.12
N SER D 12 3.64 42.09 8.03
CA SER D 12 4.27 41.47 6.88
C SER D 12 5.73 41.14 7.18
N PRO D 13 6.35 40.24 6.40
CA PRO D 13 7.75 39.89 6.68
C PRO D 13 8.68 41.09 6.68
N ASN D 14 8.47 42.04 5.75
CA ASN D 14 9.29 43.24 5.76
C ASN D 14 8.84 44.20 6.86
N GLY D 15 7.57 44.14 7.23
CA GLY D 15 7.07 44.86 8.38
C GLY D 15 6.40 46.18 8.10
N LYS D 16 6.23 46.57 6.83
CA LYS D 16 5.58 47.84 6.54
C LYS D 16 4.07 47.75 6.70
N LEU D 17 3.48 46.61 6.38
CA LEU D 17 2.03 46.43 6.42
C LEU D 17 1.63 45.69 7.69
N THR D 18 0.66 46.24 8.41
CA THR D 18 0.07 45.58 9.56
C THR D 18 -1.44 45.61 9.42
N VAL D 19 -2.08 44.50 9.78
CA VAL D 19 -3.53 44.36 9.69
C VAL D 19 -4.07 44.05 11.08
N TYR D 20 -5.10 44.80 11.49
CA TYR D 20 -5.80 44.62 12.75
C TYR D 20 -7.21 44.14 12.45
N LEU D 21 -7.61 43.07 13.12
CA LEU D 21 -8.89 42.43 12.92
C LEU D 21 -9.50 42.16 14.29
N GLY D 22 -10.83 42.22 14.37
CA GLY D 22 -11.49 42.20 15.67
C GLY D 22 -11.68 40.80 16.23
N LYS D 23 -12.06 39.84 15.38
CA LYS D 23 -12.33 38.48 15.83
C LYS D 23 -12.09 37.52 14.68
N ARG D 24 -11.91 36.24 15.02
CA ARG D 24 -11.56 35.21 14.06
C ARG D 24 -12.69 34.24 13.76
N ASP D 25 -13.85 34.39 14.40
CA ASP D 25 -14.99 33.50 14.20
C ASP D 25 -16.23 34.32 13.87
N PHE D 26 -16.82 34.06 12.71
CA PHE D 26 -17.97 34.83 12.23
C PHE D 26 -19.17 33.90 12.12
N VAL D 27 -20.23 34.22 12.86
CA VAL D 27 -21.40 33.35 12.96
C VAL D 27 -22.26 33.49 11.71
N ASP D 28 -22.86 32.39 11.29
CA ASP D 28 -23.63 32.31 10.06
C ASP D 28 -25.09 32.04 10.39
N HIS D 29 -25.86 33.11 10.58
CA HIS D 29 -27.30 32.94 10.62
C HIS D 29 -27.81 32.55 9.24
N ILE D 30 -28.97 31.91 9.20
CA ILE D 30 -29.48 31.37 7.93
C ILE D 30 -29.72 32.50 6.93
N ASP D 31 -30.30 33.61 7.38
CA ASP D 31 -30.60 34.70 6.47
C ASP D 31 -29.35 35.49 6.07
N LEU D 32 -28.45 35.73 7.01
CA LEU D 32 -27.34 36.64 6.76
C LEU D 32 -26.12 36.26 7.59
N VAL D 33 -24.97 36.81 7.22
CA VAL D 33 -23.68 36.48 7.82
C VAL D 33 -23.07 37.77 8.37
N ASP D 34 -22.29 37.63 9.43
CA ASP D 34 -21.64 38.79 10.04
C ASP D 34 -20.66 39.43 9.06
N PRO D 35 -20.62 40.75 8.98
CA PRO D 35 -19.64 41.41 8.12
C PRO D 35 -18.22 41.24 8.64
N VAL D 36 -17.27 41.33 7.72
CA VAL D 36 -15.84 41.19 8.04
C VAL D 36 -15.18 42.55 7.89
N ASP D 37 -14.86 43.20 9.01
CA ASP D 37 -14.32 44.55 8.97
C ASP D 37 -13.02 44.63 9.75
N GLY D 38 -12.18 45.60 9.40
CA GLY D 38 -10.88 45.70 10.02
C GLY D 38 -10.14 46.92 9.55
N VAL D 39 -8.90 47.05 10.01
CA VAL D 39 -8.09 48.24 9.75
C VAL D 39 -6.70 47.80 9.26
N VAL D 40 -6.09 48.64 8.42
CA VAL D 40 -4.76 48.39 7.87
C VAL D 40 -3.91 49.64 8.07
N LEU D 41 -2.69 49.45 8.56
CA LEU D 41 -1.75 50.55 8.77
C LEU D 41 -0.63 50.47 7.74
N VAL D 42 -0.36 51.60 7.08
CA VAL D 42 0.58 51.66 5.96
C VAL D 42 1.61 52.76 6.22
N ASP D 43 2.70 52.70 5.47
CA ASP D 43 3.75 53.70 5.53
C ASP D 43 3.76 54.44 4.21
N PRO D 44 3.44 55.74 4.17
CA PRO D 44 3.34 56.43 2.88
C PRO D 44 4.67 56.68 2.20
N GLU D 45 5.76 56.82 2.96
CA GLU D 45 7.04 57.12 2.36
C GLU D 45 7.52 55.99 1.46
N TYR D 46 7.38 54.74 1.92
CA TYR D 46 7.84 53.60 1.13
C TYR D 46 7.00 53.43 -0.13
N LEU D 47 5.72 53.80 -0.07
CA LEU D 47 4.79 53.64 -1.20
C LEU D 47 4.96 54.84 -2.13
N LYS D 48 5.66 54.63 -3.23
CA LYS D 48 5.84 55.71 -4.21
C LYS D 48 4.53 56.03 -4.91
N GLU D 49 4.00 55.08 -5.68
CA GLU D 49 2.71 55.26 -6.33
C GLU D 49 1.84 54.01 -6.29
N ARG D 50 2.26 52.95 -5.62
CA ARG D 50 1.49 51.73 -5.59
C ARG D 50 0.26 51.88 -4.70
N ARG D 51 -0.58 50.85 -4.71
CA ARG D 51 -1.84 50.85 -3.99
C ARG D 51 -1.89 49.64 -3.05
N VAL D 52 -2.85 49.67 -2.14
CA VAL D 52 -3.07 48.60 -1.17
C VAL D 52 -4.39 47.93 -1.48
N TYR D 53 -4.37 46.61 -1.62
CA TYR D 53 -5.55 45.84 -1.96
C TYR D 53 -5.80 44.77 -0.90
N VAL D 54 -7.08 44.48 -0.65
CA VAL D 54 -7.52 43.50 0.33
C VAL D 54 -8.45 42.51 -0.36
N THR D 55 -8.25 41.22 -0.10
CA THR D 55 -9.00 40.17 -0.79
C THR D 55 -9.43 39.08 0.17
N LEU D 56 -10.69 38.67 0.06
CA LEU D 56 -11.26 37.55 0.82
C LEU D 56 -11.53 36.41 -0.13
N THR D 57 -11.16 35.19 0.27
CA THR D 57 -11.27 34.05 -0.63
C THR D 57 -11.80 32.83 0.11
N CYS D 58 -12.72 32.14 -0.55
CA CYS D 58 -13.23 30.83 -0.12
C CYS D 58 -12.79 29.79 -1.13
N ALA D 59 -12.03 28.79 -0.67
CA ALA D 59 -11.40 27.86 -1.59
C ALA D 59 -11.60 26.43 -1.14
N PHE D 60 -11.65 25.52 -2.11
CA PHE D 60 -11.72 24.09 -1.87
C PHE D 60 -10.42 23.47 -2.38
N ARG D 61 -9.65 22.89 -1.47
CA ARG D 61 -8.31 22.38 -1.77
C ARG D 61 -8.29 20.89 -1.48
N TYR D 62 -7.60 20.13 -2.33
CA TYR D 62 -7.44 18.69 -2.14
C TYR D 62 -6.12 18.26 -2.75
N GLY D 63 -5.15 17.93 -1.91
CA GLY D 63 -3.86 17.47 -2.38
C GLY D 63 -3.49 16.11 -1.81
N ARG D 64 -2.91 15.26 -2.65
CA ARG D 64 -2.53 13.91 -2.27
C ARG D 64 -1.04 13.72 -2.43
N GLU D 65 -0.42 13.03 -1.46
CA GLU D 65 1.00 12.74 -1.56
C GLU D 65 1.29 11.87 -2.78
N ASP D 66 0.39 10.94 -3.09
CA ASP D 66 0.54 10.15 -4.30
C ASP D 66 0.51 11.04 -5.53
N LEU D 67 -0.42 11.99 -5.58
CA LEU D 67 -0.42 12.97 -6.67
C LEU D 67 0.76 13.90 -6.56
N ASP D 68 1.14 14.29 -5.35
CA ASP D 68 2.29 15.17 -5.16
C ASP D 68 3.60 14.52 -5.60
N VAL D 69 3.61 13.19 -5.77
CA VAL D 69 4.75 12.54 -6.40
C VAL D 69 4.98 13.09 -7.79
N LEU D 70 3.88 13.27 -8.54
CA LEU D 70 3.90 14.05 -9.77
C LEU D 70 3.68 15.52 -9.44
N GLY D 71 3.55 16.33 -10.49
CA GLY D 71 3.19 17.71 -10.28
C GLY D 71 1.69 17.91 -10.27
N LEU D 72 1.03 17.47 -9.20
CA LEU D 72 -0.42 17.54 -9.11
C LEU D 72 -0.85 18.19 -7.81
N THR D 73 -1.74 19.17 -7.91
CA THR D 73 -2.43 19.75 -6.77
C THR D 73 -3.73 20.36 -7.26
N PHE D 74 -4.81 20.10 -6.53
CA PHE D 74 -6.15 20.52 -6.95
C PHE D 74 -6.65 21.62 -6.04
N ARG D 75 -7.05 22.73 -6.65
CA ARG D 75 -7.61 23.88 -5.93
C ARG D 75 -8.69 24.49 -6.79
N LYS D 76 -9.83 24.83 -6.18
CA LYS D 76 -10.91 25.49 -6.88
C LYS D 76 -11.42 26.65 -6.03
N ASP D 77 -11.85 27.73 -6.69
CA ASP D 77 -12.30 28.94 -6.02
C ASP D 77 -13.82 29.00 -6.06
N LEU D 78 -14.43 29.35 -4.93
CA LEU D 78 -15.89 29.47 -4.88
C LEU D 78 -16.33 30.92 -4.74
N PHE D 79 -15.55 31.73 -4.04
CA PHE D 79 -15.94 33.12 -3.76
C PHE D 79 -14.70 34.00 -3.74
N VAL D 80 -14.77 35.13 -4.44
CA VAL D 80 -13.69 36.11 -4.47
C VAL D 80 -14.29 37.50 -4.37
N ALA D 81 -13.66 38.37 -3.58
CA ALA D 81 -14.05 39.76 -3.45
C ALA D 81 -12.80 40.62 -3.35
N ASN D 82 -12.90 41.87 -3.80
CA ASN D 82 -11.76 42.78 -3.82
C ASN D 82 -12.20 44.17 -3.39
N VAL D 83 -11.24 44.94 -2.86
CA VAL D 83 -11.50 46.28 -2.38
C VAL D 83 -10.20 47.06 -2.40
N GLN D 84 -10.30 48.38 -2.59
CA GLN D 84 -9.15 49.28 -2.58
C GLN D 84 -9.23 50.17 -1.34
N SER D 85 -8.27 50.01 -0.43
CA SER D 85 -8.31 50.77 0.81
C SER D 85 -7.55 52.09 0.67
N PHE D 86 -6.25 52.01 0.36
CA PHE D 86 -5.42 53.20 0.21
C PHE D 86 -4.78 53.21 -1.17
N PRO D 87 -4.92 54.31 -1.94
CA PRO D 87 -5.61 55.56 -1.56
C PRO D 87 -7.11 55.41 -1.49
N PRO D 88 -7.75 56.18 -0.62
CA PRO D 88 -9.20 56.03 -0.44
C PRO D 88 -9.95 56.26 -1.74
N ALA D 89 -10.96 55.43 -1.99
CA ALA D 89 -11.77 55.59 -3.17
C ALA D 89 -12.50 56.93 -3.12
N PRO D 90 -12.65 57.62 -4.26
CA PRO D 90 -13.25 58.95 -4.23
C PRO D 90 -14.69 58.98 -3.70
N GLU D 91 -15.46 57.91 -3.92
CA GLU D 91 -16.86 57.94 -3.51
C GLU D 91 -16.99 57.92 -1.99
N ASP D 92 -16.17 57.10 -1.32
CA ASP D 92 -16.19 56.95 0.15
C ASP D 92 -17.63 56.65 0.58
N LYS D 93 -18.20 57.40 1.52
CA LYS D 93 -19.61 57.25 1.92
C LYS D 93 -19.90 55.83 2.42
N LYS D 94 -19.17 55.40 3.44
CA LYS D 94 -19.38 54.10 4.05
C LYS D 94 -19.39 54.23 5.57
N PRO D 95 -20.46 53.81 6.24
CA PRO D 95 -20.50 53.93 7.70
C PRO D 95 -19.44 53.06 8.35
N LEU D 96 -19.01 53.48 9.53
CA LEU D 96 -17.98 52.78 10.28
C LEU D 96 -18.55 52.24 11.59
N THR D 97 -18.08 51.05 11.98
CA THR D 97 -18.48 50.46 13.24
C THR D 97 -17.74 51.13 14.39
N ARG D 98 -18.24 50.88 15.61
CA ARG D 98 -17.64 51.50 16.78
C ARG D 98 -16.19 51.07 16.97
N LEU D 99 -15.90 49.78 16.79
CA LEU D 99 -14.54 49.30 16.96
C LEU D 99 -13.61 49.90 15.92
N GLN D 100 -14.10 50.07 14.69
CA GLN D 100 -13.27 50.70 13.66
C GLN D 100 -12.93 52.14 14.01
N GLU D 101 -13.92 52.91 14.49
CA GLU D 101 -13.66 54.28 14.88
C GLU D 101 -12.70 54.36 16.05
N ARG D 102 -12.85 53.46 17.03
CA ARG D 102 -11.92 53.43 18.15
C ARG D 102 -10.50 53.11 17.69
N LEU D 103 -10.36 52.14 16.78
CA LEU D 103 -9.04 51.80 16.26
C LEU D 103 -8.41 52.97 15.52
N ILE D 104 -9.20 53.66 14.69
CA ILE D 104 -8.65 54.80 13.95
C ILE D 104 -8.25 55.92 14.89
N LYS D 105 -9.07 56.19 15.91
CA LYS D 105 -8.72 57.23 16.88
C LYS D 105 -7.45 56.88 17.63
N LYS D 106 -7.28 55.62 18.03
CA LYS D 106 -6.07 55.21 18.74
C LYS D 106 -4.84 55.35 17.85
N LEU D 107 -4.95 54.95 16.59
CA LEU D 107 -3.84 55.01 15.65
C LEU D 107 -3.81 56.41 15.00
N GLY D 108 -2.98 56.59 13.98
CA GLY D 108 -2.83 57.85 13.30
C GLY D 108 -3.72 57.96 12.07
N GLU D 109 -3.37 58.93 11.22
CA GLU D 109 -4.11 59.14 9.98
C GLU D 109 -3.76 58.12 8.91
N HIS D 110 -2.65 57.39 9.08
CA HIS D 110 -2.24 56.44 8.05
C HIS D 110 -3.10 55.19 8.04
N ALA D 111 -3.81 54.91 9.13
CA ALA D 111 -4.65 53.72 9.17
C ALA D 111 -5.91 53.94 8.33
N TYR D 112 -6.36 52.88 7.65
CA TYR D 112 -7.53 52.95 6.79
C TYR D 112 -8.37 51.70 6.94
N PRO D 113 -9.68 51.82 6.77
CA PRO D 113 -10.59 50.70 7.05
C PRO D 113 -10.87 49.83 5.83
N PHE D 114 -11.45 48.67 6.10
CA PHE D 114 -11.94 47.78 5.04
C PHE D 114 -13.10 46.94 5.59
N THR D 115 -14.00 46.56 4.69
CA THR D 115 -15.21 45.83 5.03
C THR D 115 -15.58 44.85 3.91
N PHE D 116 -16.10 43.69 4.30
CA PHE D 116 -16.54 42.65 3.38
C PHE D 116 -17.90 42.12 3.80
N GLU D 117 -18.71 41.75 2.83
CA GLU D 117 -20.02 41.15 3.05
C GLU D 117 -20.04 39.77 2.40
N ILE D 118 -20.58 38.78 3.11
CA ILE D 118 -20.65 37.42 2.59
C ILE D 118 -22.10 37.12 2.20
N PRO D 119 -22.35 36.52 1.04
CA PRO D 119 -23.71 36.20 0.65
C PRO D 119 -24.26 35.05 1.48
N PRO D 120 -25.58 34.84 1.47
CA PRO D 120 -26.14 33.81 2.35
C PRO D 120 -25.65 32.39 2.07
N ASN D 121 -25.81 31.90 0.85
CA ASN D 121 -25.65 30.49 0.54
C ASN D 121 -24.21 30.19 0.12
N LEU D 122 -23.36 29.88 1.10
CA LEU D 122 -22.02 29.40 0.84
C LEU D 122 -21.71 28.28 1.84
N PRO D 123 -20.80 27.37 1.50
CA PRO D 123 -20.49 26.28 2.43
C PRO D 123 -19.74 26.78 3.65
N CYS D 124 -19.86 26.05 4.75
CA CYS D 124 -19.13 26.36 5.96
C CYS D 124 -17.74 25.73 5.91
N SER D 125 -16.95 25.98 6.94
CA SER D 125 -15.58 25.51 6.99
C SER D 125 -15.54 24.08 7.50
N VAL D 126 -14.95 23.17 6.71
CA VAL D 126 -14.87 21.75 7.03
C VAL D 126 -13.54 21.22 6.51
N THR D 127 -12.90 20.35 7.30
CA THR D 127 -11.68 19.67 6.87
C THR D 127 -11.90 18.17 6.88
N LEU D 128 -10.96 17.46 6.25
CA LEU D 128 -11.01 16.01 6.12
C LEU D 128 -9.79 15.40 6.79
N GLN D 129 -9.95 14.21 7.34
CA GLN D 129 -8.87 13.57 8.09
C GLN D 129 -7.72 13.24 7.14
N PRO D 130 -6.49 13.61 7.47
CA PRO D 130 -5.38 13.38 6.53
C PRO D 130 -4.97 11.92 6.39
N GLY D 131 -4.70 11.23 7.49
CA GLY D 131 -4.17 9.89 7.44
C GLY D 131 -2.67 9.86 7.68
N PRO D 132 -2.13 8.67 7.90
CA PRO D 132 -0.69 8.56 8.24
C PRO D 132 0.25 9.12 7.19
N GLU D 133 -0.05 8.90 5.90
CA GLU D 133 0.91 9.34 4.85
C GLU D 133 0.89 10.86 4.70
N ASP D 134 -0.27 11.46 4.44
CA ASP D 134 -0.36 12.93 4.21
C ASP D 134 0.25 13.70 5.39
N THR D 135 1.22 14.56 5.11
CA THR D 135 1.84 15.40 6.17
C THR D 135 2.06 16.82 5.63
N GLY D 136 1.39 17.19 4.54
CA GLY D 136 1.55 18.53 3.94
C GLY D 136 0.51 19.51 4.45
N LYS D 137 -0.52 19.80 3.65
CA LYS D 137 -1.57 20.78 4.05
C LYS D 137 -2.88 20.06 4.38
N ALA D 138 -4.01 20.75 4.22
CA ALA D 138 -5.31 20.17 4.60
C ALA D 138 -6.22 20.01 3.38
N CYS D 139 -7.37 19.36 3.57
CA CYS D 139 -8.33 19.14 2.46
C CYS D 139 -9.70 19.64 2.87
N GLY D 140 -10.29 20.56 2.12
CA GLY D 140 -11.62 21.04 2.44
C GLY D 140 -11.72 22.54 2.28
N VAL D 141 -12.90 23.04 2.63
CA VAL D 141 -13.23 24.45 2.42
C VAL D 141 -12.48 25.32 3.42
N ASP D 142 -11.98 26.47 2.94
CA ASP D 142 -11.18 27.36 3.77
C ASP D 142 -11.45 28.80 3.39
N TYR D 143 -11.39 29.69 4.39
CA TYR D 143 -11.61 31.12 4.21
C TYR D 143 -10.38 31.92 4.64
N GLU D 144 -9.90 32.77 3.74
CA GLU D 144 -8.67 33.52 3.96
C GLU D 144 -8.88 35.00 3.68
N VAL D 145 -8.16 35.83 4.43
CA VAL D 145 -8.09 37.27 4.23
C VAL D 145 -6.65 37.66 3.96
N LYS D 146 -6.40 38.30 2.83
CA LYS D 146 -5.05 38.63 2.42
C LYS D 146 -4.94 40.08 1.97
N ALA D 147 -3.94 40.78 2.47
CA ALA D 147 -3.70 42.17 2.12
C ALA D 147 -2.33 42.30 1.47
N PHE D 148 -2.29 42.98 0.32
CA PHE D 148 -1.03 43.10 -0.41
C PHE D 148 -0.89 44.49 -1.00
N CYS D 149 0.33 44.78 -1.47
CA CYS D 149 0.66 46.06 -2.08
C CYS D 149 1.04 45.83 -3.54
N ALA D 150 0.39 46.56 -4.45
CA ALA D 150 0.62 46.39 -5.87
C ALA D 150 0.33 47.67 -6.62
N GLU D 151 1.14 47.95 -7.65
CA GLU D 151 0.87 49.08 -8.53
C GLU D 151 -0.40 48.86 -9.33
N ASN D 152 -0.61 47.64 -9.80
CA ASN D 152 -1.84 47.26 -10.49
C ASN D 152 -2.26 45.88 -10.01
N LEU D 153 -3.56 45.59 -10.13
CA LEU D 153 -4.07 44.31 -9.65
C LEU D 153 -3.51 43.16 -10.46
N GLU D 154 -3.26 43.38 -11.75
CA GLU D 154 -2.78 42.31 -12.62
C GLU D 154 -1.35 41.90 -12.27
N GLU D 155 -0.58 42.81 -11.68
CA GLU D 155 0.83 42.55 -11.42
C GLU D 155 0.99 41.42 -10.40
N LYS D 156 2.10 40.69 -10.53
CA LYS D 156 2.39 39.60 -9.62
C LYS D 156 2.80 40.14 -8.25
N ILE D 157 2.22 39.59 -7.19
CA ILE D 157 2.55 40.03 -5.84
C ILE D 157 3.71 39.21 -5.29
N HIS D 158 4.37 39.76 -4.27
CA HIS D 158 5.51 39.11 -3.64
C HIS D 158 5.24 38.94 -2.15
N LYS D 159 6.01 38.05 -1.54
CA LYS D 159 5.83 37.75 -0.12
C LYS D 159 6.14 38.95 0.76
N ARG D 160 7.05 39.81 0.31
CA ARG D 160 7.47 40.94 1.15
C ARG D 160 6.33 41.90 1.42
N ASN D 161 5.36 42.00 0.51
CA ASN D 161 4.29 42.97 0.63
C ASN D 161 2.93 42.34 0.90
N SER D 162 2.89 41.11 1.39
CA SER D 162 1.64 40.40 1.59
C SER D 162 1.51 39.94 3.05
N VAL D 163 0.28 39.99 3.56
CA VAL D 163 -0.08 39.45 4.86
C VAL D 163 -1.28 38.54 4.67
N ARG D 164 -1.27 37.38 5.30
CA ARG D 164 -2.32 36.38 5.17
C ARG D 164 -2.84 35.97 6.54
N LEU D 165 -4.16 35.89 6.68
CA LEU D 165 -4.82 35.43 7.89
C LEU D 165 -5.92 34.46 7.50
N VAL D 166 -6.25 33.56 8.42
CA VAL D 166 -7.29 32.56 8.20
C VAL D 166 -8.46 32.87 9.11
N ILE D 167 -9.68 32.78 8.57
CA ILE D 167 -10.88 33.00 9.37
C ILE D 167 -11.78 31.78 9.22
N GLU D 168 -12.88 31.78 9.98
CA GLU D 168 -13.78 30.63 10.01
C GLU D 168 -15.23 31.09 9.91
N LYS D 169 -16.08 30.20 9.40
CA LYS D 169 -17.52 30.40 9.36
C LYS D 169 -18.20 29.22 10.01
N VAL D 170 -19.03 29.47 11.03
CA VAL D 170 -19.58 28.41 11.87
C VAL D 170 -21.08 28.60 12.04
N GLN D 171 -21.70 27.60 12.65
CA GLN D 171 -23.12 27.61 12.97
C GLN D 171 -23.34 27.03 14.36
N TYR D 172 -24.42 27.45 15.01
CA TYR D 172 -24.72 27.03 16.37
C TYR D 172 -26.15 26.51 16.44
N ALA D 173 -26.45 25.79 17.53
CA ALA D 173 -27.69 25.05 17.64
C ALA D 173 -28.88 26.00 17.70
N PRO D 174 -30.00 25.66 17.06
CA PRO D 174 -31.19 26.51 17.18
C PRO D 174 -31.80 26.41 18.57
N GLU D 175 -32.53 27.46 18.94
CA GLU D 175 -33.11 27.53 20.28
C GLU D 175 -34.27 26.55 20.44
N ARG D 176 -35.17 26.49 19.45
CA ARG D 176 -36.37 25.68 19.57
C ARG D 176 -36.05 24.21 19.30
N PRO D 177 -36.39 23.32 20.22
CA PRO D 177 -36.18 21.88 19.96
C PRO D 177 -37.14 21.35 18.92
N GLY D 178 -36.72 20.32 18.22
CA GLY D 178 -37.53 19.71 17.19
C GLY D 178 -38.38 18.58 17.73
N PRO D 179 -39.12 17.93 16.83
CA PRO D 179 -39.96 16.80 17.23
C PRO D 179 -39.13 15.54 17.50
N GLN D 180 -39.76 14.57 18.13
CA GLN D 180 -39.07 13.33 18.50
C GLN D 180 -39.04 12.37 17.32
N PRO D 181 -37.87 11.88 16.92
CA PRO D 181 -37.80 10.90 15.82
C PRO D 181 -38.47 9.58 16.19
N THR D 182 -38.99 8.91 15.17
CA THR D 182 -39.63 7.61 15.35
C THR D 182 -39.65 6.89 14.01
N ALA D 183 -39.80 5.56 14.07
CA ALA D 183 -39.94 4.79 12.83
C ALA D 183 -40.57 3.44 13.12
N GLU D 184 -41.24 2.89 12.10
CA GLU D 184 -42.03 1.68 12.19
C GLU D 184 -41.93 0.91 10.89
N THR D 185 -41.90 -0.42 10.98
CA THR D 185 -41.72 -1.25 9.79
C THR D 185 -42.34 -2.62 10.01
N THR D 186 -42.96 -3.16 8.96
CA THR D 186 -43.54 -4.49 8.96
C THR D 186 -43.02 -5.28 7.76
N ARG D 187 -42.76 -6.57 7.95
CA ARG D 187 -42.26 -7.43 6.89
C ARG D 187 -43.00 -8.76 6.86
N GLN D 188 -43.27 -9.25 5.66
CA GLN D 188 -43.94 -10.52 5.43
C GLN D 188 -43.00 -11.48 4.73
N PHE D 189 -42.89 -12.70 5.26
CA PHE D 189 -42.00 -13.69 4.68
C PHE D 189 -42.71 -14.48 3.59
N LEU D 190 -42.06 -15.58 3.17
CA LEU D 190 -42.56 -16.34 2.03
C LEU D 190 -43.95 -16.89 2.26
N MET D 191 -44.17 -17.59 3.38
CA MET D 191 -45.48 -18.09 3.73
C MET D 191 -46.20 -17.03 4.56
N SER D 192 -47.42 -16.69 4.15
CA SER D 192 -48.17 -15.60 4.77
C SER D 192 -48.80 -16.02 6.09
N ASP D 193 -47.98 -16.56 6.99
CA ASP D 193 -48.49 -16.96 8.29
C ASP D 193 -48.79 -15.75 9.17
N LYS D 194 -47.87 -14.80 9.21
CA LYS D 194 -47.97 -13.65 10.11
C LYS D 194 -46.82 -12.69 9.79
N PRO D 195 -46.97 -11.41 10.13
CA PRO D 195 -45.89 -10.45 9.87
C PRO D 195 -44.96 -10.25 11.05
N LEU D 196 -43.77 -9.73 10.78
CA LEU D 196 -42.80 -9.33 11.80
C LEU D 196 -42.79 -7.81 11.86
N HIS D 197 -42.93 -7.25 13.06
CA HIS D 197 -43.12 -5.81 13.21
C HIS D 197 -42.05 -5.25 14.14
N LEU D 198 -41.49 -4.10 13.75
CA LEU D 198 -40.38 -3.47 14.46
C LEU D 198 -40.67 -1.99 14.60
N GLU D 199 -40.45 -1.44 15.79
CA GLU D 199 -40.60 -0.01 16.05
C GLU D 199 -39.39 0.49 16.81
N ALA D 200 -38.90 1.66 16.44
CA ALA D 200 -37.73 2.24 17.07
C ALA D 200 -37.93 3.73 17.28
N SER D 201 -37.25 4.26 18.30
CA SER D 201 -37.37 5.69 18.60
C SER D 201 -36.13 6.19 19.33
N LEU D 202 -35.99 7.51 19.36
CA LEU D 202 -34.94 8.20 20.10
C LEU D 202 -35.56 9.09 21.17
N ASP D 203 -34.69 9.58 22.06
CA ASP D 203 -35.15 10.41 23.18
C ASP D 203 -35.55 11.80 22.71
N LYS D 204 -34.71 12.44 21.89
CA LYS D 204 -34.97 13.79 21.42
C LYS D 204 -34.17 14.01 20.15
N GLU D 205 -34.27 15.23 19.61
CA GLU D 205 -33.67 15.51 18.31
C GLU D 205 -32.26 16.07 18.43
N ILE D 206 -32.09 17.15 19.18
CA ILE D 206 -30.82 17.88 19.21
C ILE D 206 -29.93 17.30 20.29
N TYR D 207 -28.72 16.90 19.91
CA TYR D 207 -27.75 16.32 20.82
C TYR D 207 -26.46 17.13 20.74
N TYR D 208 -25.87 17.44 21.90
CA TYR D 208 -24.60 18.14 21.92
C TYR D 208 -23.45 17.13 21.84
N HIS D 209 -22.25 17.67 21.70
CA HIS D 209 -21.08 16.82 21.52
C HIS D 209 -20.69 16.15 22.84
N GLY D 210 -20.54 14.83 22.79
CA GLY D 210 -20.18 14.07 23.97
C GLY D 210 -21.34 13.67 24.86
N GLU D 211 -22.56 13.63 24.34
CA GLU D 211 -23.69 13.23 25.17
C GLU D 211 -24.27 11.92 24.66
N PRO D 212 -24.77 11.07 25.55
CA PRO D 212 -25.28 9.76 25.13
C PRO D 212 -26.56 9.86 24.32
N ILE D 213 -26.73 8.89 23.42
CA ILE D 213 -27.91 8.73 22.58
C ILE D 213 -28.60 7.45 23.03
N SER D 214 -29.88 7.54 23.37
CA SER D 214 -30.66 6.41 23.87
C SER D 214 -31.69 6.00 22.83
N VAL D 215 -31.62 4.74 22.42
CA VAL D 215 -32.50 4.19 21.40
C VAL D 215 -33.45 3.21 22.08
N ASN D 216 -34.75 3.37 21.83
CA ASN D 216 -35.75 2.45 22.35
C ASN D 216 -36.19 1.52 21.22
N VAL D 217 -36.13 0.21 21.47
CA VAL D 217 -36.38 -0.82 20.48
C VAL D 217 -37.54 -1.67 20.97
N HIS D 218 -38.51 -1.93 20.09
CA HIS D 218 -39.68 -2.72 20.43
C HIS D 218 -40.00 -3.63 19.24
N VAL D 219 -39.86 -4.94 19.44
CA VAL D 219 -39.97 -5.93 18.38
C VAL D 219 -41.10 -6.90 18.73
N THR D 220 -41.86 -7.30 17.72
CA THR D 220 -42.83 -8.39 17.89
C THR D 220 -42.74 -9.33 16.70
N ASN D 221 -42.67 -10.63 17.00
CA ASN D 221 -42.48 -11.66 15.99
C ASN D 221 -43.60 -12.69 16.12
N ASN D 222 -44.34 -12.88 15.04
CA ASN D 222 -45.42 -13.85 14.99
C ASN D 222 -45.18 -14.89 13.89
N THR D 223 -44.01 -14.84 13.25
CA THR D 223 -43.68 -15.80 12.21
C THR D 223 -42.97 -17.01 12.81
N ASN D 224 -42.72 -18.00 11.95
CA ASN D 224 -42.10 -19.25 12.38
C ASN D 224 -40.58 -19.18 12.12
N LYS D 225 -39.96 -18.16 12.69
CA LYS D 225 -38.56 -17.89 12.44
C LYS D 225 -37.82 -17.74 13.76
N THR D 226 -36.57 -17.31 13.66
CA THR D 226 -35.73 -17.04 14.81
C THR D 226 -34.89 -15.80 14.54
N VAL D 227 -34.83 -14.90 15.51
CA VAL D 227 -34.03 -13.67 15.42
C VAL D 227 -32.72 -13.93 16.14
N LYS D 228 -31.61 -13.85 15.42
CA LYS D 228 -30.32 -14.19 16.01
C LYS D 228 -29.69 -13.02 16.75
N LYS D 229 -29.67 -11.84 16.14
CA LYS D 229 -28.86 -10.74 16.65
C LYS D 229 -29.53 -9.41 16.34
N ILE D 230 -29.15 -8.40 17.11
CA ILE D 230 -29.61 -7.03 16.93
C ILE D 230 -28.38 -6.14 16.87
N LYS D 231 -28.38 -5.19 15.94
CA LYS D 231 -27.25 -4.30 15.73
C LYS D 231 -27.72 -2.85 15.71
N ILE D 232 -27.02 -2.00 16.46
CA ILE D 232 -27.30 -0.57 16.52
C ILE D 232 -26.06 0.18 16.11
N SER D 233 -26.19 1.08 15.14
CA SER D 233 -25.04 1.84 14.66
C SER D 233 -25.42 3.30 14.45
N VAL D 234 -24.40 4.16 14.49
CA VAL D 234 -24.54 5.57 14.16
C VAL D 234 -23.66 5.87 12.95
N ARG D 235 -24.23 6.53 11.95
CA ARG D 235 -23.56 6.70 10.66
C ARG D 235 -23.50 8.17 10.28
N GLN D 236 -22.37 8.56 9.69
CA GLN D 236 -22.15 9.89 9.15
C GLN D 236 -22.27 9.87 7.64
N TYR D 237 -22.98 10.83 7.07
CA TYR D 237 -23.12 10.99 5.63
C TYR D 237 -22.52 12.33 5.23
N ALA D 238 -21.67 12.31 4.21
CA ALA D 238 -21.04 13.51 3.68
C ALA D 238 -21.21 13.55 2.18
N ASP D 239 -21.68 14.69 1.68
CA ASP D 239 -21.84 14.93 0.24
C ASP D 239 -20.78 15.93 -0.20
N ILE D 240 -19.99 15.56 -1.19
CA ILE D 240 -18.86 16.36 -1.66
C ILE D 240 -19.03 16.63 -3.14
N CYS D 241 -18.64 17.82 -3.59
CA CYS D 241 -18.69 18.20 -5.00
C CYS D 241 -17.35 18.81 -5.41
N LEU D 242 -16.42 17.95 -5.84
CA LEU D 242 -15.15 18.38 -6.43
C LEU D 242 -14.92 17.60 -7.70
N PHE D 243 -15.30 18.20 -8.84
CA PHE D 243 -15.15 17.63 -10.19
C PHE D 243 -16.15 16.50 -10.42
N ASN D 244 -16.81 16.06 -9.35
CA ASN D 244 -17.80 14.99 -9.40
C ASN D 244 -18.76 15.18 -8.24
N THR D 245 -19.91 14.51 -8.33
CA THR D 245 -20.88 14.45 -7.24
C THR D 245 -20.88 13.05 -6.65
N ALA D 246 -20.71 12.96 -5.34
CA ALA D 246 -20.56 11.67 -4.69
C ALA D 246 -21.10 11.71 -3.27
N GLN D 247 -21.35 10.53 -2.72
CA GLN D 247 -21.78 10.36 -1.34
C GLN D 247 -20.80 9.44 -0.62
N TYR D 248 -20.68 9.63 0.69
CA TYR D 248 -19.75 8.86 1.50
C TYR D 248 -20.36 8.60 2.87
N LYS D 249 -20.26 7.36 3.34
CA LYS D 249 -20.87 6.93 4.59
C LYS D 249 -19.83 6.24 5.47
N CYS D 250 -19.87 6.53 6.77
CA CYS D 250 -18.97 5.93 7.74
C CYS D 250 -19.74 5.66 9.03
N PRO D 251 -19.61 4.47 9.61
CA PRO D 251 -20.14 4.26 10.96
C PRO D 251 -19.17 4.77 12.02
N VAL D 252 -19.73 5.47 13.01
CA VAL D 252 -18.93 6.08 14.07
C VAL D 252 -19.02 5.31 15.39
N ALA D 253 -20.20 4.82 15.76
CA ALA D 253 -20.35 4.00 16.95
C ALA D 253 -21.21 2.80 16.62
N MET D 254 -20.91 1.68 17.27
CA MET D 254 -21.61 0.43 16.99
C MET D 254 -21.90 -0.30 18.29
N GLU D 255 -22.86 -1.22 18.23
CA GLU D 255 -23.16 -2.09 19.35
C GLU D 255 -23.87 -3.34 18.83
N GLU D 256 -23.46 -4.49 19.36
CA GLU D 256 -23.86 -5.82 18.90
C GLU D 256 -24.48 -6.56 20.08
N ALA D 257 -25.75 -6.94 19.95
CA ALA D 257 -26.44 -7.63 21.02
C ALA D 257 -26.93 -8.98 20.52
N ASP D 258 -26.65 -10.04 21.29
CA ASP D 258 -27.09 -11.39 20.95
C ASP D 258 -28.31 -11.75 21.80
N ASP D 259 -29.42 -11.09 21.49
CA ASP D 259 -30.71 -11.37 22.12
C ASP D 259 -31.60 -12.09 21.13
N THR D 260 -32.13 -13.24 21.54
CA THR D 260 -32.90 -14.11 20.67
C THR D 260 -34.38 -13.95 20.95
N VAL D 261 -35.17 -13.78 19.89
CA VAL D 261 -36.62 -13.68 19.99
C VAL D 261 -37.22 -14.98 19.46
N ALA D 262 -37.95 -15.68 20.31
CA ALA D 262 -38.59 -16.93 19.93
C ALA D 262 -39.84 -16.64 19.10
N PRO D 263 -40.32 -17.63 18.36
CA PRO D 263 -41.56 -17.44 17.60
C PRO D 263 -42.73 -17.07 18.52
N SER D 264 -43.58 -16.18 18.01
CA SER D 264 -44.76 -15.70 18.73
C SER D 264 -44.37 -15.07 20.07
N SER D 265 -43.64 -13.97 20.00
CA SER D 265 -43.17 -13.30 21.21
C SER D 265 -42.98 -11.82 20.96
N THR D 266 -42.68 -11.10 22.04
CA THR D 266 -42.40 -9.67 22.02
C THR D 266 -41.13 -9.39 22.79
N PHE D 267 -40.52 -8.23 22.53
CA PHE D 267 -39.25 -7.89 23.15
C PHE D 267 -39.09 -6.37 23.17
N CYS D 268 -38.53 -5.86 24.27
CA CYS D 268 -38.40 -4.41 24.47
C CYS D 268 -37.06 -4.12 25.14
N LYS D 269 -36.40 -3.05 24.71
CA LYS D 269 -35.08 -2.76 25.25
C LYS D 269 -34.71 -1.31 24.99
N VAL D 270 -33.71 -0.83 25.73
CA VAL D 270 -33.16 0.51 25.58
C VAL D 270 -31.64 0.39 25.53
N TYR D 271 -31.03 1.02 24.52
CA TYR D 271 -29.59 0.98 24.30
C TYR D 271 -29.02 2.38 24.34
N THR D 272 -27.74 2.50 24.70
CA THR D 272 -27.08 3.80 24.82
C THR D 272 -25.77 3.78 24.06
N LEU D 273 -25.48 4.86 23.34
CA LEU D 273 -24.30 4.97 22.51
C LEU D 273 -23.71 6.37 22.62
N THR D 274 -22.40 6.51 22.38
CA THR D 274 -21.77 7.83 22.32
C THR D 274 -20.80 7.86 21.16
N PRO D 275 -20.89 8.86 20.29
CA PRO D 275 -19.85 9.04 19.26
C PRO D 275 -18.69 9.90 19.75
N PHE D 276 -17.47 9.42 19.62
CA PHE D 276 -16.30 10.21 20.00
C PHE D 276 -15.11 9.84 19.11
N LEU D 277 -14.05 10.64 19.21
CA LEU D 277 -12.93 10.58 18.27
C LEU D 277 -11.78 9.69 18.72
N ALA D 278 -11.81 9.17 19.94
CA ALA D 278 -10.66 8.41 20.44
C ALA D 278 -10.41 7.15 19.61
N ASN D 279 -11.47 6.46 19.22
CA ASN D 279 -11.34 5.21 18.48
C ASN D 279 -11.56 5.36 16.98
N ASN D 280 -11.61 6.59 16.47
CA ASN D 280 -11.78 6.84 15.05
C ASN D 280 -10.58 7.54 14.42
N ARG D 281 -9.37 7.22 14.88
CA ARG D 281 -8.18 7.84 14.30
C ARG D 281 -7.83 7.19 12.96
N GLU D 282 -8.02 5.88 12.84
CA GLU D 282 -7.57 5.17 11.65
C GLU D 282 -8.44 5.48 10.44
N LYS D 283 -9.73 5.74 10.66
CA LYS D 283 -10.63 6.00 9.54
C LYS D 283 -10.20 7.25 8.79
N ARG D 284 -10.15 7.14 7.47
CA ARG D 284 -9.67 8.20 6.60
C ARG D 284 -10.85 8.79 5.84
N GLY D 285 -10.80 10.10 5.61
CA GLY D 285 -11.90 10.81 4.98
C GLY D 285 -12.99 11.25 5.92
N LEU D 286 -12.84 11.02 7.22
CA LEU D 286 -13.81 11.50 8.19
C LEU D 286 -13.86 13.02 8.17
N ALA D 287 -15.05 13.58 8.36
CA ALA D 287 -15.21 15.03 8.34
C ALA D 287 -15.05 15.61 9.74
N LEU D 288 -14.36 16.75 9.83
CA LEU D 288 -14.08 17.42 11.08
C LEU D 288 -14.44 18.89 10.96
N ASP D 289 -14.47 19.59 12.09
CA ASP D 289 -14.97 20.96 12.10
C ASP D 289 -14.09 21.91 11.30
N GLY D 290 -12.78 21.89 11.55
CA GLY D 290 -11.91 22.79 10.84
C GLY D 290 -10.85 23.40 11.73
N LYS D 291 -9.61 23.45 11.24
CA LYS D 291 -8.46 23.77 12.07
C LYS D 291 -7.78 25.01 11.53
N LEU D 292 -7.33 25.89 12.44
CA LEU D 292 -6.48 27.00 12.03
C LEU D 292 -5.10 26.51 11.60
N LYS D 293 -4.38 25.84 12.51
CA LYS D 293 -3.09 25.24 12.14
C LYS D 293 -2.82 24.03 13.05
N HIS D 294 -3.19 22.85 12.57
CA HIS D 294 -2.73 21.58 13.12
C HIS D 294 -3.03 21.44 14.62
N GLU D 295 -4.32 21.37 14.96
CA GLU D 295 -4.73 21.03 16.31
C GLU D 295 -5.93 20.10 16.25
N ASP D 296 -6.13 19.33 17.32
CA ASP D 296 -7.25 18.40 17.36
C ASP D 296 -8.58 19.13 17.38
N THR D 297 -9.58 18.53 16.74
CA THR D 297 -10.91 19.11 16.64
C THR D 297 -11.93 17.98 16.68
N ASN D 298 -13.12 18.30 17.16
CA ASN D 298 -14.16 17.29 17.33
C ASN D 298 -14.71 16.84 15.99
N LEU D 299 -15.67 15.92 16.04
CA LEU D 299 -16.34 15.48 14.83
C LEU D 299 -17.13 16.63 14.21
N ALA D 300 -17.36 16.54 12.91
CA ALA D 300 -18.04 17.61 12.20
C ALA D 300 -19.50 17.73 12.65
N SER D 301 -19.99 18.95 12.72
CA SER D 301 -21.36 19.18 13.14
C SER D 301 -22.28 19.32 11.93
N SER D 302 -23.58 19.18 12.19
CA SER D 302 -24.56 19.15 11.12
C SER D 302 -24.63 20.50 10.41
N THR D 303 -25.07 20.45 9.16
CA THR D 303 -25.22 21.63 8.32
C THR D 303 -26.70 21.98 8.21
N LEU D 304 -27.06 23.20 8.58
CA LEU D 304 -28.44 23.65 8.55
C LEU D 304 -28.70 24.43 7.26
N LEU D 305 -29.78 24.07 6.56
CA LEU D 305 -30.10 24.66 5.28
C LEU D 305 -31.52 25.21 5.31
N ARG D 306 -31.77 26.16 4.41
CA ARG D 306 -33.11 26.72 4.28
C ARG D 306 -34.04 25.70 3.62
N GLU D 307 -35.15 25.41 4.30
CA GLU D 307 -35.89 24.18 4.06
C GLU D 307 -36.64 24.19 2.73
N GLY D 308 -37.01 25.37 2.25
CA GLY D 308 -37.87 25.43 1.08
C GLY D 308 -37.23 24.84 -0.17
N ALA D 309 -35.96 25.16 -0.40
CA ALA D 309 -35.30 24.74 -1.63
C ALA D 309 -33.81 24.58 -1.38
N ASN D 310 -33.15 23.89 -2.31
CA ASN D 310 -31.72 23.66 -2.25
C ASN D 310 -31.11 23.85 -3.63
N ARG D 311 -29.93 24.47 -3.67
CA ARG D 311 -29.16 24.62 -4.89
C ARG D 311 -27.75 24.09 -4.64
N GLU D 312 -27.34 23.11 -5.43
CA GLU D 312 -26.06 22.44 -5.21
C GLU D 312 -24.92 23.27 -5.77
N ILE D 313 -24.48 24.24 -4.96
CA ILE D 313 -23.28 25.02 -5.21
C ILE D 313 -22.33 24.97 -4.03
N LEU D 314 -22.42 23.93 -3.20
CA LEU D 314 -21.73 23.86 -1.93
C LEU D 314 -20.74 22.71 -1.94
N GLY D 315 -19.64 22.86 -1.19
CA GLY D 315 -18.58 21.85 -1.23
C GLY D 315 -18.93 20.59 -0.47
N ILE D 316 -19.05 20.70 0.86
CA ILE D 316 -19.25 19.54 1.73
C ILE D 316 -20.49 19.76 2.59
N ILE D 317 -21.33 18.75 2.68
CA ILE D 317 -22.55 18.77 3.50
C ILE D 317 -22.55 17.53 4.37
N VAL D 318 -22.78 17.70 5.67
CA VAL D 318 -22.68 16.64 6.66
C VAL D 318 -24.05 16.37 7.29
N SER D 319 -24.30 15.12 7.64
CA SER D 319 -25.51 14.74 8.37
C SER D 319 -25.28 13.40 9.07
N TYR D 320 -26.21 13.04 9.95
CA TYR D 320 -26.06 11.84 10.77
C TYR D 320 -27.36 11.04 10.79
N LYS D 321 -27.24 9.74 11.04
CA LYS D 321 -28.39 8.86 11.16
C LYS D 321 -28.10 7.70 12.10
N VAL D 322 -29.17 7.08 12.61
CA VAL D 322 -29.08 5.94 13.53
C VAL D 322 -29.78 4.76 12.89
N LYS D 323 -29.11 3.61 12.85
CA LYS D 323 -29.64 2.43 12.19
C LYS D 323 -29.82 1.29 13.19
N VAL D 324 -30.97 0.62 13.08
CA VAL D 324 -31.32 -0.55 13.88
C VAL D 324 -31.58 -1.70 12.93
N LYS D 325 -30.92 -2.84 13.16
CA LYS D 325 -31.06 -4.00 12.29
C LYS D 325 -31.30 -5.27 13.10
N LEU D 326 -32.29 -6.05 12.65
CA LEU D 326 -32.58 -7.37 13.17
C LEU D 326 -32.11 -8.42 12.17
N VAL D 327 -31.36 -9.41 12.64
CA VAL D 327 -30.86 -10.49 11.80
C VAL D 327 -31.77 -11.69 11.99
N VAL D 328 -32.30 -12.21 10.88
CA VAL D 328 -33.24 -13.33 10.89
C VAL D 328 -32.51 -14.57 10.40
N SER D 329 -32.61 -15.66 11.17
CA SER D 329 -31.82 -16.85 10.91
C SER D 329 -32.23 -17.54 9.62
N ARG D 330 -33.54 -17.79 9.46
CA ARG D 330 -34.01 -18.54 8.30
C ARG D 330 -33.71 -17.80 7.00
N GLY D 331 -33.95 -16.49 6.98
CA GLY D 331 -33.67 -15.71 5.79
C GLY D 331 -34.06 -14.26 5.92
N GLY D 332 -33.27 -13.37 5.31
CA GLY D 332 -33.59 -11.95 5.27
C GLY D 332 -33.16 -11.20 6.53
N ASP D 333 -33.33 -9.89 6.46
CA ASP D 333 -33.04 -9.00 7.58
C ASP D 333 -34.19 -8.02 7.73
N VAL D 334 -34.13 -7.19 8.78
CA VAL D 334 -35.01 -6.05 8.92
C VAL D 334 -34.16 -4.86 9.36
N ALA D 335 -34.43 -3.68 8.78
CA ALA D 335 -33.62 -2.51 9.07
C ALA D 335 -34.49 -1.26 9.15
N VAL D 336 -34.04 -0.30 9.95
CA VAL D 336 -34.74 0.96 10.17
C VAL D 336 -33.73 2.05 10.44
N GLU D 337 -33.98 3.26 9.93
CA GLU D 337 -33.10 4.40 10.14
C GLU D 337 -33.88 5.60 10.67
N LEU D 338 -33.21 6.40 11.50
CA LEU D 338 -33.78 7.59 12.10
C LEU D 338 -32.80 8.75 12.03
N PRO D 339 -33.28 9.97 11.76
CA PRO D 339 -32.37 11.13 11.68
C PRO D 339 -32.29 11.96 12.96
N PHE D 340 -31.13 12.58 13.21
CA PHE D 340 -30.96 13.45 14.36
C PHE D 340 -29.93 14.53 14.03
N THR D 341 -29.64 15.39 15.02
CA THR D 341 -28.77 16.55 14.84
C THR D 341 -27.69 16.55 15.92
N LEU D 342 -26.49 17.01 15.57
CA LEU D 342 -25.33 17.03 16.47
C LEU D 342 -24.60 18.35 16.31
N MET D 343 -24.70 19.22 17.32
CA MET D 343 -24.17 20.57 17.21
C MET D 343 -23.79 21.11 18.58
N HIS D 344 -22.94 22.17 18.58
CA HIS D 344 -22.55 22.92 19.78
C HIS D 344 -23.66 23.88 20.19
N PRO D 345 -23.78 24.20 21.48
CA PRO D 345 -24.65 25.30 21.87
C PRO D 345 -23.95 26.64 21.73
N LYS D 346 -24.73 27.71 21.81
CA LYS D 346 -24.17 29.04 21.65
C LYS D 346 -23.29 29.40 22.85
N PRO D 347 -22.05 29.84 22.61
CA PRO D 347 -21.17 30.20 23.73
C PRO D 347 -21.29 31.66 24.13
N LYS D 348 -21.08 31.94 25.42
CA LYS D 348 -21.11 33.33 25.88
C LYS D 348 -19.83 34.06 25.50
N GLU D 349 -18.70 33.35 25.46
CA GLU D 349 -17.42 33.90 25.07
C GLU D 349 -16.92 33.17 23.83
N GLU D 350 -16.05 33.83 23.07
CA GLU D 350 -15.56 33.25 21.83
C GLU D 350 -14.75 31.99 22.14
N PRO D 351 -14.87 30.95 21.33
CA PRO D 351 -14.14 29.71 21.58
C PRO D 351 -12.63 29.93 21.53
N PRO D 352 -11.87 29.27 22.39
CA PRO D 352 -10.42 29.23 22.18
C PRO D 352 -10.12 28.44 20.92
N HIS D 353 -9.04 28.82 20.24
CA HIS D 353 -8.72 28.26 18.94
C HIS D 353 -7.47 27.38 18.98
N ARG D 354 -7.30 26.63 20.06
CA ARG D 354 -6.12 25.83 20.31
C ARG D 354 -6.39 24.96 21.53
N GLU D 355 -5.42 24.11 21.87
CA GLU D 355 -5.54 23.33 23.10
C GLU D 355 -5.33 24.25 24.29
N VAL D 356 -6.25 24.20 25.26
CA VAL D 356 -6.25 25.24 26.28
C VAL D 356 -5.10 25.03 27.26
N PRO D 357 -4.97 23.88 27.96
CA PRO D 357 -3.64 23.65 28.59
C PRO D 357 -2.69 22.97 27.61
N GLU D 358 -2.22 23.75 26.63
CA GLU D 358 -1.52 23.17 25.49
C GLU D 358 -0.17 22.57 25.90
N ASN D 359 0.13 21.42 25.34
CA ASN D 359 1.37 20.70 25.67
C ASN D 359 2.53 21.12 24.76
N VAL E 1 -22.88 16.71 40.03
CA VAL E 1 -23.34 17.44 41.21
C VAL E 1 -22.43 17.15 42.40
N GLN E 2 -22.01 15.89 42.55
CA GLN E 2 -21.18 15.50 43.67
C GLN E 2 -20.06 14.57 43.21
N LEU E 3 -18.88 14.77 43.80
CA LEU E 3 -17.74 13.89 43.65
C LEU E 3 -17.41 13.30 45.01
N VAL E 4 -17.43 11.96 45.10
CA VAL E 4 -17.19 11.26 46.35
C VAL E 4 -15.85 10.53 46.24
N GLU E 5 -14.96 10.84 47.17
CA GLU E 5 -13.61 10.27 47.19
C GLU E 5 -13.49 9.30 48.35
N SER E 6 -12.89 8.13 48.08
CA SER E 6 -12.73 7.11 49.10
C SER E 6 -11.33 6.52 49.04
N GLY E 7 -11.09 5.47 49.82
CA GLY E 7 -9.78 4.83 49.84
C GLY E 7 -8.74 5.66 50.57
N GLY E 8 -9.02 5.99 51.83
CA GLY E 8 -8.12 6.84 52.58
C GLY E 8 -6.77 6.18 52.81
N GLY E 9 -5.79 7.01 53.13
CA GLY E 9 -4.45 6.49 53.35
C GLY E 9 -4.41 5.55 54.55
N LEU E 10 -3.71 4.43 54.38
CA LEU E 10 -3.62 3.40 55.40
C LEU E 10 -2.25 3.38 56.08
N VAL E 11 -1.55 4.52 56.10
CA VAL E 11 -0.24 4.64 56.72
C VAL E 11 0.71 3.63 56.10
N GLN E 12 0.96 3.78 54.80
CA GLN E 12 1.83 2.84 54.10
C GLN E 12 3.27 3.34 54.12
N PRO E 13 4.19 2.66 54.83
CA PRO E 13 5.59 3.10 54.81
C PRO E 13 6.22 3.04 53.43
N GLY E 14 5.84 2.06 52.62
CA GLY E 14 6.33 1.97 51.26
C GLY E 14 5.58 0.88 50.51
N GLY E 15 5.04 1.21 49.34
CA GLY E 15 4.26 0.25 48.59
C GLY E 15 3.28 0.97 47.70
N SER E 16 2.13 0.32 47.47
CA SER E 16 1.13 0.78 46.52
C SER E 16 -0.15 1.15 47.25
N LEU E 17 -0.86 2.13 46.71
CA LEU E 17 -2.13 2.57 47.25
C LEU E 17 -3.02 3.06 46.11
N ARG E 18 -4.29 2.69 46.14
CA ARG E 18 -5.22 3.05 45.08
C ARG E 18 -6.27 3.99 45.62
N LEU E 19 -6.43 5.14 44.95
CA LEU E 19 -7.45 6.12 45.29
C LEU E 19 -8.50 6.12 44.19
N SER E 20 -9.77 6.18 44.58
CA SER E 20 -10.87 6.15 43.63
C SER E 20 -11.83 7.29 43.91
N CYS E 21 -12.47 7.77 42.84
CA CYS E 21 -13.46 8.83 42.93
C CYS E 21 -14.66 8.46 42.07
N ALA E 22 -15.85 8.74 42.61
CA ALA E 22 -17.11 8.47 41.93
C ALA E 22 -17.84 9.78 41.68
N ALA E 23 -18.37 9.94 40.47
CA ALA E 23 -18.98 11.19 40.04
C ALA E 23 -20.48 10.99 39.82
N SER E 24 -21.27 11.99 40.19
CA SER E 24 -22.70 11.97 39.92
C SER E 24 -23.08 13.24 39.15
N GLY E 25 -23.78 13.06 38.04
CA GLY E 25 -24.21 14.17 37.22
C GLY E 25 -23.22 14.62 36.16
N PHE E 26 -22.09 13.92 36.00
CA PHE E 26 -21.10 14.27 34.99
C PHE E 26 -20.95 13.13 34.02
N ASN E 27 -20.84 13.45 32.74
CA ASN E 27 -20.47 12.47 31.73
C ASN E 27 -18.97 12.53 31.50
N VAL E 28 -18.34 11.36 31.43
CA VAL E 28 -16.88 11.31 31.31
C VAL E 28 -16.43 11.84 29.96
N TYR E 29 -17.26 11.69 28.93
CA TYR E 29 -16.84 12.07 27.58
C TYR E 29 -17.03 13.56 27.34
N SER E 30 -17.62 14.27 28.29
CA SER E 30 -17.83 15.71 28.18
C SER E 30 -17.03 16.51 29.19
N SER E 31 -16.13 15.88 29.95
CA SER E 31 -15.39 16.56 31.00
C SER E 31 -13.99 15.98 31.10
N SER E 32 -13.14 16.67 31.87
CA SER E 32 -11.78 16.22 32.14
C SER E 32 -11.61 16.07 33.64
N ILE E 33 -10.82 15.07 34.04
CA ILE E 33 -10.65 14.72 35.44
C ILE E 33 -9.22 15.06 35.86
N HIS E 34 -9.09 15.71 37.02
CA HIS E 34 -7.81 16.19 37.51
C HIS E 34 -7.63 15.80 38.97
N TRP E 35 -6.37 15.57 39.37
CA TRP E 35 -6.04 15.30 40.76
C TRP E 35 -5.14 16.40 41.29
N VAL E 36 -5.46 16.90 42.48
CA VAL E 36 -4.76 18.04 43.08
C VAL E 36 -4.32 17.67 44.49
N ARG E 37 -3.06 17.91 44.81
CA ARG E 37 -2.47 17.51 46.08
C ARG E 37 -2.16 18.74 46.93
N GLN E 38 -2.49 18.69 48.21
CA GLN E 38 -2.22 19.78 49.14
C GLN E 38 -1.45 19.24 50.33
N ALA E 39 -0.21 19.67 50.48
CA ALA E 39 0.63 19.24 51.58
C ALA E 39 0.31 20.02 52.84
N PRO E 40 0.62 19.47 54.02
CA PRO E 40 0.42 20.23 55.26
C PRO E 40 1.31 21.47 55.29
N GLY E 41 0.69 22.62 55.52
CA GLY E 41 1.43 23.88 55.51
C GLY E 41 2.04 24.22 54.17
N LYS E 42 1.26 24.07 53.09
CA LYS E 42 1.77 24.35 51.76
C LYS E 42 0.60 24.66 50.84
N GLY E 43 0.93 25.22 49.68
CA GLY E 43 -0.08 25.53 48.69
C GLY E 43 -0.44 24.33 47.84
N LEU E 44 -1.37 24.55 46.92
CA LEU E 44 -1.85 23.47 46.07
C LEU E 44 -0.81 23.08 45.04
N ARG E 45 -0.95 21.85 44.51
CA ARG E 45 -0.11 21.35 43.45
C ARG E 45 -0.95 20.60 42.44
N TRP E 46 -0.31 20.14 41.37
CA TRP E 46 -0.98 19.38 40.33
C TRP E 46 -0.29 18.03 40.19
N VAL E 47 -1.09 16.98 39.99
CA VAL E 47 -0.59 15.61 40.01
C VAL E 47 -0.80 14.90 38.68
N ALA E 48 -2.05 14.80 38.22
CA ALA E 48 -2.33 14.09 36.98
C ALA E 48 -3.68 14.54 36.44
N SER E 49 -3.89 14.27 35.14
CA SER E 49 -5.12 14.66 34.47
C SER E 49 -5.41 13.72 33.31
N ILE E 50 -6.69 13.56 33.01
CA ILE E 50 -7.13 12.63 31.96
C ILE E 50 -8.32 13.22 31.21
N SER E 51 -8.32 13.03 29.88
CA SER E 51 -9.42 13.41 29.00
C SER E 51 -9.77 12.23 28.12
N SER E 52 -11.05 11.84 28.12
CA SER E 52 -11.45 10.58 27.50
C SER E 52 -11.86 10.77 26.04
N TYR E 53 -12.29 11.98 25.66
CA TYR E 53 -12.75 12.20 24.30
C TYR E 53 -11.65 11.96 23.29
N TYR E 54 -10.46 12.48 23.55
CA TYR E 54 -9.30 12.25 22.69
C TYR E 54 -8.42 11.11 23.19
N GLY E 55 -8.60 10.69 24.45
CA GLY E 55 -7.80 9.62 25.01
C GLY E 55 -6.40 10.03 25.40
N TYR E 56 -6.27 10.97 26.33
CA TYR E 56 -4.97 11.52 26.71
C TYR E 56 -4.84 11.54 28.22
N THR E 57 -3.62 11.29 28.70
CA THR E 57 -3.27 11.32 30.12
C THR E 57 -1.97 12.10 30.31
N TYR E 58 -1.95 12.99 31.29
CA TYR E 58 -0.78 13.82 31.58
C TYR E 58 -0.41 13.69 33.05
N TYR E 59 0.90 13.68 33.31
CA TYR E 59 1.43 13.56 34.66
C TYR E 59 2.40 14.71 34.92
N ALA E 60 2.64 14.96 36.20
CA ALA E 60 3.66 15.91 36.61
C ALA E 60 5.04 15.28 36.49
N ASP E 61 6.07 16.13 36.55
CA ASP E 61 7.44 15.63 36.45
C ASP E 61 7.81 14.80 37.67
N SER E 62 7.39 15.23 38.86
CA SER E 62 7.81 14.57 40.09
C SER E 62 7.26 13.15 40.19
N VAL E 63 5.99 12.96 39.82
CA VAL E 63 5.34 11.66 39.99
C VAL E 63 5.34 10.82 38.73
N LYS E 64 6.08 11.23 37.69
CA LYS E 64 6.11 10.46 36.46
C LYS E 64 6.82 9.14 36.67
N GLY E 65 6.18 8.05 36.24
CA GLY E 65 6.75 6.73 36.37
C GLY E 65 6.38 5.99 37.63
N ARG E 66 5.79 6.66 38.62
CA ARG E 66 5.34 6.00 39.83
C ARG E 66 3.83 6.07 40.03
N PHE E 67 3.12 6.85 39.23
CA PHE E 67 1.69 7.06 39.37
C PHE E 67 1.01 6.70 38.05
N THR E 68 -0.25 6.31 38.14
CA THR E 68 -1.04 6.01 36.94
C THR E 68 -2.47 6.50 37.16
N ILE E 69 -3.09 7.00 36.11
CA ILE E 69 -4.46 7.49 36.16
C ILE E 69 -5.29 6.78 35.11
N SER E 70 -6.54 6.49 35.44
CA SER E 70 -7.44 5.86 34.49
C SER E 70 -8.88 6.20 34.87
N ALA E 71 -9.80 5.97 33.92
CA ALA E 71 -11.22 6.17 34.16
C ALA E 71 -11.99 5.07 33.48
N ASP E 72 -13.13 4.71 34.06
CA ASP E 72 -14.01 3.70 33.46
C ASP E 72 -15.39 4.27 33.19
N THR E 73 -15.87 4.06 31.97
CA THR E 73 -17.14 4.67 31.54
C THR E 73 -18.34 3.95 32.16
N SER E 74 -18.23 2.65 32.34
CA SER E 74 -19.39 1.87 32.80
C SER E 74 -19.85 2.31 34.18
N LYS E 75 -18.90 2.54 35.09
CA LYS E 75 -19.22 2.85 36.48
C LYS E 75 -18.95 4.30 36.85
N ASN E 76 -18.50 5.12 35.90
CA ASN E 76 -18.29 6.56 36.12
C ASN E 76 -17.35 6.82 37.28
N THR E 77 -16.21 6.13 37.28
CA THR E 77 -15.21 6.29 38.32
C THR E 77 -13.85 6.58 37.72
N ALA E 78 -13.01 7.24 38.53
CA ALA E 78 -11.64 7.55 38.17
C ALA E 78 -10.71 7.00 39.23
N TYR E 79 -9.59 6.42 38.79
CA TYR E 79 -8.64 5.76 39.67
C TYR E 79 -7.25 6.37 39.51
N LEU E 80 -6.59 6.60 40.64
CA LEU E 80 -5.17 6.93 40.70
C LEU E 80 -4.47 5.81 41.45
N GLN E 81 -3.50 5.17 40.80
CA GLN E 81 -2.70 4.14 41.43
C GLN E 81 -1.32 4.71 41.73
N MET E 82 -0.88 4.55 42.98
CA MET E 82 0.33 5.18 43.49
C MET E 82 1.30 4.10 43.92
N ASN E 83 2.53 4.15 43.43
CA ASN E 83 3.53 3.13 43.72
C ASN E 83 4.81 3.78 44.21
N SER E 84 5.55 3.03 45.02
CA SER E 84 6.86 3.43 45.53
C SER E 84 6.79 4.77 46.27
N LEU E 85 5.89 4.83 47.25
CA LEU E 85 5.68 6.06 48.00
C LEU E 85 6.94 6.44 48.78
N ARG E 86 7.01 7.71 49.17
CA ARG E 86 8.13 8.23 49.92
C ARG E 86 7.62 9.17 51.02
N ALA E 87 8.56 9.79 51.73
CA ALA E 87 8.18 10.69 52.81
C ALA E 87 7.59 11.99 52.28
N GLU E 88 7.94 12.36 51.04
CA GLU E 88 7.43 13.60 50.48
C GLU E 88 5.95 13.50 50.12
N ASP E 89 5.46 12.29 49.86
CA ASP E 89 4.08 12.10 49.40
C ASP E 89 3.07 11.98 50.52
N THR E 90 3.07 12.91 51.48
CA THR E 90 2.12 12.90 52.59
C THR E 90 1.25 14.14 52.48
N ALA E 91 -0.03 13.96 52.19
CA ALA E 91 -0.84 15.13 51.85
C ALA E 91 -2.32 14.77 51.82
N VAL E 92 -3.13 15.76 51.48
CA VAL E 92 -4.56 15.60 51.27
C VAL E 92 -4.81 15.71 49.77
N TYR E 93 -5.54 14.75 49.22
CA TYR E 93 -5.78 14.67 47.79
C TYR E 93 -7.22 15.06 47.47
N TYR E 94 -7.38 15.73 46.33
CA TYR E 94 -8.67 16.21 45.85
C TYR E 94 -8.85 15.79 44.40
N CYS E 95 -10.09 15.52 44.02
CA CYS E 95 -10.47 15.23 42.65
C CYS E 95 -11.31 16.39 42.12
N ALA E 96 -11.01 16.84 40.89
CA ALA E 96 -11.65 18.00 40.33
C ALA E 96 -12.08 17.75 38.89
N ARG E 97 -13.10 18.47 38.46
CA ARG E 97 -13.70 18.32 37.15
C ARG E 97 -13.58 19.61 36.36
N SER E 98 -13.31 19.48 35.06
CA SER E 98 -13.32 20.64 34.17
C SER E 98 -14.34 20.45 33.05
N ARG E 99 -14.36 21.37 32.09
CA ARG E 99 -15.26 21.28 30.95
C ARG E 99 -14.43 21.05 29.69
N GLN E 100 -14.89 20.13 28.84
CA GLN E 100 -14.12 19.80 27.65
C GLN E 100 -14.27 20.88 26.58
N PHE E 101 -15.48 21.41 26.40
CA PHE E 101 -15.77 22.41 25.38
C PHE E 101 -16.42 23.62 26.05
N TRP E 102 -15.63 24.58 26.54
CA TRP E 102 -14.17 24.54 26.56
C TRP E 102 -13.71 24.89 27.98
N TYR E 103 -12.42 24.71 28.25
CA TYR E 103 -11.90 24.83 29.61
C TYR E 103 -12.14 26.23 30.18
N SER E 104 -12.69 26.29 31.38
CA SER E 104 -12.83 27.53 32.12
C SER E 104 -12.08 27.50 33.45
N GLY E 105 -12.31 26.48 34.27
CA GLY E 105 -11.60 26.32 35.53
C GLY E 105 -12.10 25.08 36.24
N LEU E 106 -11.44 24.77 37.35
CA LEU E 106 -11.83 23.62 38.17
C LEU E 106 -13.03 24.04 39.00
N ASP E 107 -14.23 23.74 38.50
CA ASP E 107 -15.45 24.33 39.03
C ASP E 107 -16.10 23.48 40.13
N TYR E 108 -16.11 22.16 39.98
CA TYR E 108 -16.58 21.26 41.03
C TYR E 108 -15.42 20.49 41.63
N TRP E 109 -15.33 20.49 42.96
CA TRP E 109 -14.22 19.87 43.69
C TRP E 109 -14.75 18.75 44.57
N GLY E 110 -13.85 17.83 44.94
CA GLY E 110 -14.22 16.75 45.83
C GLY E 110 -13.97 17.09 47.29
N GLN E 111 -14.36 16.16 48.16
CA GLN E 111 -14.19 16.38 49.60
C GLN E 111 -12.73 16.23 50.02
N GLY E 112 -12.04 15.23 49.48
CA GLY E 112 -10.63 15.05 49.73
C GLY E 112 -10.37 13.91 50.70
N THR E 113 -9.20 13.29 50.57
CA THR E 113 -8.79 12.18 51.42
C THR E 113 -7.40 12.45 51.95
N LEU E 114 -7.07 11.82 53.07
CA LEU E 114 -5.80 12.02 53.75
C LEU E 114 -4.91 10.81 53.55
N VAL E 115 -3.66 11.05 53.11
CA VAL E 115 -2.69 9.98 52.89
C VAL E 115 -1.42 10.32 53.64
N THR E 116 -0.97 9.39 54.48
CA THR E 116 0.19 9.58 55.35
C THR E 116 1.21 8.47 55.11
N VAL E 117 2.47 8.84 54.94
CA VAL E 117 3.56 7.90 54.79
C VAL E 117 4.55 8.14 55.93
N SER E 118 4.80 7.10 56.73
CA SER E 118 5.66 7.21 57.89
C SER E 118 6.58 6.01 57.95
N SER E 119 7.67 6.16 58.68
CA SER E 119 8.63 5.08 58.85
C SER E 119 8.01 3.91 59.63
N ASP F 1 8.92 25.88 33.46
CA ASP F 1 7.53 26.17 33.79
C ASP F 1 7.38 27.57 34.39
N ILE F 2 6.17 28.13 34.26
CA ILE F 2 5.94 29.49 34.71
C ILE F 2 5.88 29.55 36.22
N GLN F 3 6.53 30.54 36.80
CA GLN F 3 6.52 30.78 38.24
C GLN F 3 5.70 32.02 38.53
N MET F 4 4.68 31.87 39.39
CA MET F 4 3.77 32.95 39.73
C MET F 4 4.07 33.46 41.13
N THR F 5 4.19 34.78 41.26
CA THR F 5 4.52 35.42 42.53
C THR F 5 3.34 36.25 42.99
N GLN F 6 2.92 36.05 44.24
CA GLN F 6 1.72 36.64 44.79
C GLN F 6 2.05 37.48 46.01
N SER F 7 1.37 38.61 46.18
CA SER F 7 1.59 39.48 47.32
C SER F 7 0.34 40.29 47.60
N PRO F 8 0.18 40.79 48.85
CA PRO F 8 1.00 40.57 50.04
C PRO F 8 0.64 39.28 50.76
N SER F 9 1.61 38.69 51.48
CA SER F 9 1.41 37.36 52.06
C SER F 9 0.29 37.37 53.10
N SER F 10 0.26 38.36 53.97
CA SER F 10 -0.74 38.44 55.03
C SER F 10 -1.15 39.89 55.25
N LEU F 11 -2.44 40.09 55.54
CA LEU F 11 -2.97 41.42 55.76
C LEU F 11 -4.11 41.35 56.76
N SER F 12 -4.34 42.46 57.45
CA SER F 12 -5.44 42.60 58.40
C SER F 12 -6.33 43.75 57.96
N ALA F 13 -7.63 43.51 57.94
CA ALA F 13 -8.59 44.51 57.49
C ALA F 13 -9.83 44.47 58.37
N SER F 14 -10.47 45.63 58.51
CA SER F 14 -11.72 45.71 59.26
C SER F 14 -12.92 45.63 58.33
N VAL F 15 -14.10 45.52 58.93
CA VAL F 15 -15.32 45.41 58.15
C VAL F 15 -15.61 46.71 57.43
N GLY F 16 -15.92 46.61 56.14
CA GLY F 16 -16.27 47.76 55.34
C GLY F 16 -15.13 48.36 54.52
N ASP F 17 -13.91 47.85 54.67
CA ASP F 17 -12.80 48.38 53.91
C ASP F 17 -12.71 47.71 52.55
N ARG F 18 -11.84 48.26 51.70
CA ARG F 18 -11.55 47.69 50.39
C ARG F 18 -10.13 47.15 50.38
N VAL F 19 -9.96 45.95 49.82
CA VAL F 19 -8.67 45.26 49.85
C VAL F 19 -8.29 44.86 48.43
N THR F 20 -6.98 44.84 48.16
CA THR F 20 -6.44 44.50 46.85
C THR F 20 -5.30 43.49 47.03
N ILE F 21 -5.28 42.49 46.16
CA ILE F 21 -4.21 41.49 46.13
C ILE F 21 -3.67 41.42 44.72
N THR F 22 -2.35 41.29 44.59
CA THR F 22 -1.71 41.32 43.28
C THR F 22 -0.91 40.05 43.04
N CYS F 23 -0.78 39.70 41.75
CA CYS F 23 0.01 38.56 41.32
C CYS F 23 0.70 38.90 40.00
N ARG F 24 1.85 38.28 39.79
CA ARG F 24 2.65 38.51 38.60
C ARG F 24 3.20 37.18 38.09
N ALA F 25 3.46 37.14 36.79
CA ALA F 25 3.96 35.93 36.13
C ALA F 25 5.24 36.27 35.37
N SER F 26 6.11 35.27 35.23
CA SER F 26 7.37 35.48 34.53
C SER F 26 7.16 35.76 33.05
N GLN F 27 6.25 35.00 32.42
CA GLN F 27 5.95 35.19 31.01
C GLN F 27 4.51 35.62 30.86
N SER F 28 4.14 36.00 29.64
CA SER F 28 2.77 36.37 29.36
C SER F 28 1.89 35.13 29.30
N VAL F 29 0.87 35.07 30.15
CA VAL F 29 -0.10 33.99 30.14
C VAL F 29 -1.36 34.35 29.36
N SER F 30 -1.41 35.53 28.76
CA SER F 30 -2.43 35.89 27.78
C SER F 30 -3.84 35.81 28.38
N SER F 31 -4.06 36.50 29.49
CA SER F 31 -5.38 36.75 30.08
C SER F 31 -6.10 35.49 30.53
N ALA F 32 -5.41 34.37 30.71
CA ALA F 32 -6.05 33.13 31.12
C ALA F 32 -5.61 32.78 32.54
N VAL F 33 -6.32 33.33 33.52
CA VAL F 33 -6.06 33.05 34.93
C VAL F 33 -7.39 32.88 35.65
N ALA F 34 -7.32 32.28 36.83
CA ALA F 34 -8.50 32.05 37.67
C ALA F 34 -8.14 32.27 39.12
N TRP F 35 -9.15 32.66 39.91
CA TRP F 35 -8.98 32.95 41.32
C TRP F 35 -9.85 32.02 42.15
N TYR F 36 -9.27 31.43 43.21
CA TYR F 36 -9.95 30.47 44.07
C TYR F 36 -9.96 30.96 45.50
N GLN F 37 -11.02 30.61 46.23
CA GLN F 37 -11.16 30.93 47.65
C GLN F 37 -11.31 29.65 48.45
N GLN F 38 -10.50 29.50 49.49
CA GLN F 38 -10.55 28.33 50.36
C GLN F 38 -10.69 28.78 51.80
N LYS F 39 -11.77 28.37 52.45
CA LYS F 39 -11.89 28.50 53.89
C LYS F 39 -11.17 27.33 54.58
N PRO F 40 -10.69 27.53 55.80
CA PRO F 40 -9.97 26.45 56.48
C PRO F 40 -10.84 25.21 56.66
N GLY F 41 -10.27 24.06 56.35
CA GLY F 41 -10.95 22.78 56.51
C GLY F 41 -11.89 22.38 55.39
N LYS F 42 -11.86 23.07 54.25
CA LYS F 42 -12.77 22.78 53.16
C LYS F 42 -12.07 22.95 51.83
N ALA F 43 -12.70 22.41 50.77
CA ALA F 43 -12.14 22.48 49.43
C ALA F 43 -12.31 23.88 48.85
N PRO F 44 -11.47 24.25 47.88
CA PRO F 44 -11.57 25.60 47.30
C PRO F 44 -12.82 25.77 46.46
N LYS F 45 -13.17 27.03 46.23
CA LYS F 45 -14.30 27.41 45.38
C LYS F 45 -13.83 28.38 44.31
N LEU F 46 -14.29 28.18 43.08
CA LEU F 46 -13.94 29.08 41.98
C LEU F 46 -14.62 30.43 42.18
N LEU F 47 -13.89 31.51 41.89
CA LEU F 47 -14.44 32.85 41.96
C LEU F 47 -14.48 33.55 40.61
N ILE F 48 -13.34 33.67 39.94
CA ILE F 48 -13.21 34.48 38.73
C ILE F 48 -12.38 33.70 37.72
N TYR F 49 -12.85 33.67 36.47
CA TYR F 49 -12.10 33.04 35.38
C TYR F 49 -11.96 34.03 34.23
N SER F 50 -11.00 33.75 33.37
CA SER F 50 -10.68 34.60 32.21
C SER F 50 -10.24 36.00 32.65
N ALA F 51 -9.88 36.12 33.93
CA ALA F 51 -9.27 37.31 34.53
C ALA F 51 -10.25 38.46 34.69
N SER F 52 -11.43 38.35 34.09
CA SER F 52 -12.47 39.37 34.26
C SER F 52 -13.86 38.81 34.49
N SER F 53 -14.16 37.62 33.99
CA SER F 53 -15.50 37.08 34.12
C SER F 53 -15.74 36.63 35.56
N LEU F 54 -16.95 36.87 36.04
CA LEU F 54 -17.33 36.54 37.41
C LEU F 54 -18.25 35.33 37.39
N TYR F 55 -17.92 34.32 38.19
CA TYR F 55 -18.67 33.08 38.19
C TYR F 55 -20.10 33.30 38.66
N SER F 56 -21.02 32.53 38.09
CA SER F 56 -22.43 32.69 38.40
C SER F 56 -22.71 32.40 39.87
N GLY F 57 -23.48 33.28 40.50
CA GLY F 57 -23.81 33.14 41.91
C GLY F 57 -22.84 33.77 42.87
N VAL F 58 -21.75 34.36 42.39
CA VAL F 58 -20.78 35.01 43.25
C VAL F 58 -21.21 36.46 43.47
N PRO F 59 -21.22 36.96 44.70
CA PRO F 59 -21.59 38.35 44.93
C PRO F 59 -20.68 39.31 44.17
N SER F 60 -21.26 40.41 43.72
CA SER F 60 -20.57 41.30 42.78
C SER F 60 -19.49 42.13 43.45
N ARG F 61 -19.26 41.96 44.76
CA ARG F 61 -18.22 42.73 45.43
C ARG F 61 -16.84 42.42 44.86
N PHE F 62 -16.64 41.18 44.40
CA PHE F 62 -15.33 40.79 43.89
C PHE F 62 -15.13 41.30 42.48
N SER F 63 -13.92 41.78 42.19
CA SER F 63 -13.59 42.24 40.85
C SER F 63 -12.17 41.83 40.50
N GLY F 64 -11.91 41.65 39.21
CA GLY F 64 -10.59 41.28 38.74
C GLY F 64 -10.17 42.16 37.57
N SER F 65 -8.86 42.38 37.47
CA SER F 65 -8.32 43.23 36.43
C SER F 65 -6.94 42.74 36.01
N ARG F 66 -6.55 43.12 34.80
CA ARG F 66 -5.26 42.75 34.22
C ARG F 66 -4.58 43.98 33.66
N SER F 67 -3.26 44.06 33.81
CA SER F 67 -2.43 45.08 33.17
C SER F 67 -1.07 44.50 32.89
N GLY F 68 -0.75 44.32 31.61
CA GLY F 68 0.49 43.66 31.27
C GLY F 68 0.46 42.22 31.75
N THR F 69 1.45 41.87 32.58
CA THR F 69 1.50 40.57 33.24
C THR F 69 1.12 40.66 34.72
N ASP F 70 0.44 41.71 35.14
CA ASP F 70 0.05 41.90 36.53
C ASP F 70 -1.46 41.75 36.65
N PHE F 71 -1.90 40.84 37.52
CA PHE F 71 -3.31 40.56 37.73
C PHE F 71 -3.70 40.93 39.15
N THR F 72 -4.80 41.66 39.29
CA THR F 72 -5.22 42.15 40.59
C THR F 72 -6.65 41.74 40.89
N LEU F 73 -6.89 41.40 42.15
CA LEU F 73 -8.22 41.10 42.66
C LEU F 73 -8.58 42.12 43.73
N THR F 74 -9.80 42.64 43.67
CA THR F 74 -10.25 43.70 44.56
C THR F 74 -11.57 43.32 45.21
N ILE F 75 -11.67 43.59 46.50
CA ILE F 75 -12.92 43.45 47.26
C ILE F 75 -13.30 44.84 47.76
N SER F 76 -14.52 45.27 47.42
CA SER F 76 -14.93 46.64 47.74
C SER F 76 -15.34 46.77 49.19
N SER F 77 -16.31 45.98 49.62
CA SER F 77 -16.82 46.03 50.99
C SER F 77 -16.59 44.68 51.66
N LEU F 78 -15.84 44.70 52.75
CA LEU F 78 -15.53 43.47 53.46
C LEU F 78 -16.64 43.13 54.45
N GLN F 79 -16.89 41.84 54.61
CA GLN F 79 -17.92 41.31 55.49
C GLN F 79 -17.36 40.16 56.30
N PRO F 80 -18.04 39.78 57.40
CA PRO F 80 -17.53 38.67 58.22
C PRO F 80 -17.40 37.35 57.48
N GLU F 81 -18.11 37.18 56.37
CA GLU F 81 -18.09 35.92 55.62
C GLU F 81 -16.96 35.86 54.60
N ASP F 82 -16.08 36.87 54.56
CA ASP F 82 -15.07 36.96 53.52
C ASP F 82 -13.65 36.77 54.03
N PHE F 83 -13.45 36.02 55.11
CA PHE F 83 -12.12 35.73 55.62
C PHE F 83 -11.73 34.31 55.22
N ALA F 84 -10.69 34.19 54.38
CA ALA F 84 -10.25 32.89 53.87
C ALA F 84 -8.88 33.09 53.23
N THR F 85 -8.44 32.07 52.51
CA THR F 85 -7.24 32.18 51.70
C THR F 85 -7.60 32.24 50.22
N TYR F 86 -6.80 32.98 49.45
CA TYR F 86 -7.08 33.20 48.03
C TYR F 86 -5.88 32.78 47.20
N TYR F 87 -6.15 31.97 46.16
CA TYR F 87 -5.11 31.41 45.30
C TYR F 87 -5.33 31.88 43.87
N CYS F 88 -4.23 31.95 43.11
CA CYS F 88 -4.26 32.36 41.72
C CYS F 88 -3.65 31.27 40.86
N GLN F 89 -4.31 30.94 39.75
CA GLN F 89 -3.89 29.86 38.87
C GLN F 89 -3.83 30.36 37.44
N GLN F 90 -2.86 29.85 36.69
CA GLN F 90 -2.77 30.07 35.25
C GLN F 90 -2.95 28.72 34.56
N TYR F 91 -3.61 28.73 33.40
CA TYR F 91 -3.84 27.48 32.68
C TYR F 91 -3.59 27.59 31.19
N LYS F 92 -2.68 28.47 30.75
CA LYS F 92 -2.33 28.49 29.34
C LYS F 92 -1.44 27.31 28.96
N TYR F 93 -0.50 26.95 29.83
CA TYR F 93 0.46 25.89 29.55
C TYR F 93 0.32 24.78 30.59
N VAL F 94 0.80 23.61 30.22
CA VAL F 94 0.87 22.46 31.13
C VAL F 94 2.32 22.32 31.59
N PRO F 95 2.59 22.13 32.89
CA PRO F 95 1.64 21.99 34.00
C PRO F 95 1.08 23.31 34.50
N VAL F 96 -0.18 23.30 34.94
CA VAL F 96 -0.77 24.49 35.53
C VAL F 96 -0.07 24.79 36.84
N THR F 97 -0.05 26.06 37.23
CA THR F 97 0.71 26.49 38.39
C THR F 97 -0.15 27.38 39.27
N PHE F 98 -0.07 27.15 40.58
CA PHE F 98 -0.77 27.94 41.58
C PHE F 98 0.22 28.84 42.31
N GLY F 99 -0.31 29.91 42.89
CA GLY F 99 0.51 30.79 43.71
C GLY F 99 0.60 30.33 45.15
N GLN F 100 1.34 31.10 45.94
CA GLN F 100 1.55 30.76 47.34
C GLN F 100 0.26 30.81 48.14
N GLY F 101 -0.57 31.82 47.88
CA GLY F 101 -1.79 32.00 48.63
C GLY F 101 -1.59 32.97 49.78
N THR F 102 -2.57 33.85 49.96
CA THR F 102 -2.49 34.91 50.97
C THR F 102 -3.66 34.79 51.93
N LYS F 103 -3.39 35.06 53.20
CA LYS F 103 -4.38 34.92 54.27
C LYS F 103 -4.95 36.28 54.63
N VAL F 104 -6.27 36.35 54.74
CA VAL F 104 -6.96 37.55 55.19
C VAL F 104 -7.43 37.31 56.62
N GLU F 105 -7.04 38.20 57.53
CA GLU F 105 -7.33 38.06 58.94
C GLU F 105 -8.02 39.31 59.47
N ILE F 106 -8.90 39.12 60.45
CA ILE F 106 -9.64 40.22 61.04
C ILE F 106 -8.77 40.96 62.04
#